data_6BV4
#
_entry.id   6BV4
#
_cell.length_a   260.664
_cell.length_b   62.871
_cell.length_c   81.620
_cell.angle_alpha   90.00
_cell.angle_beta   100.39
_cell.angle_gamma   90.00
#
_symmetry.space_group_name_H-M   'C 1 2 1'
#
loop_
_entity.id
_entity.type
_entity.pdbx_description
1 polymer 'Aminopeptidase N'
2 branched 2-acetamido-2-deoxy-beta-D-glucopyranose-(1-4)-2-acetamido-2-deoxy-beta-D-glucopyranose-(1-4)-2-acetamido-2-deoxy-beta-D-glucopyranose
3 branched 2-acetamido-2-deoxy-beta-D-glucopyranose-(1-4)-2-acetamido-2-deoxy-beta-D-glucopyranose
4 non-polymer 2-acetamido-2-deoxy-beta-D-glucopyranose
5 non-polymer METHIONINE
6 non-polymer 'SULFATE ION'
7 non-polymer 'ZINC ION'
8 water water
#
_entity_poly.entity_id   1
_entity_poly.type   'polypeptide(L)'
_entity_poly.pdbx_seq_one_letter_code
;QSKPWNRYRLPTTLLPDSYNVTLRPYLTPNADGLYIFKGKSIVRFLCQEPTDVIIIHSKKLNYTTQGHMVVLRGVGDSQV
PEIDRTELVELTEYLVVHLKGSLQPGHMYEMESEFQGELADDLAGFYRSEYMEGNVKKVLATTQMQSTDARKSFPCFDEP
AMKATFNITLIHPNNLTALSNMPPKGSSTPLAEDPNWSVTEFETTPVMSTYLLAYIVSEFQSVNETAQNGVLIRIWARPN
AIAEGHGMYALNVTGPILNFFANHYNTSYPLPKSDQIALPDFNAGAMENWGLVTYRENALLFDPQSSSISNKERVVTVIA
HELAHQWFGNLVTLAWWNDLWLNEGFASYVEYLGADHAEPTWNLKDLIVPGDVYRVMAVDALASSHPLTTPAEEVNTPAQ
ISEMFDSISYSKGASVIRMLSNFLTEDLFKEGLASYLHAFAYQNTTYLDLWEHLQKAVDAQTSIRLPDTVRAIMDRWTLQ
MGFPVITVDTKTGNISQKHFLLDSESNVTRSSAFDYLWIVPISSIKNGVMQDHYWLRDVSQAQNDLFKTASDDWVLLNVN
VTGYFQVNYDEDNWRMIQHQLQTNLSVIPVINRAQVIYDSFNLATAHMVPVTLALDNTLFLNGEKEYMPWQAALSSLSYF
SLMFDRSEVYGPMKKYLRKQVEPLFQHFETLTKNWTERPENLMDQYSEINAISTACSNGLPQCENLAKTLFDQWMSDPEN
NPIHPNLRSTIYCNAIAQGGQDQWDFAWGQLQQAQLVNEADKLRSALACSNEVWLLNRYLGYTLNPDLIRKQDATSTINS
IASNVIGQPLAWDFVQSNWKKLFQDYGGGSFSFSNLIQGVTRRFSSEFELQQLEQFKKNNMDVGFGSGTRALEQALEKTK
ANIKWVKENKEVVLNWFIEHSS
;
_entity_poly.pdbx_strand_id   A
#
loop_
_chem_comp.id
_chem_comp.type
_chem_comp.name
_chem_comp.formula
NAG D-saccharide, beta linking 2-acetamido-2-deoxy-beta-D-glucopyranose 'C8 H15 N O6'
SO4 non-polymer 'SULFATE ION' 'O4 S -2'
ZN non-polymer 'ZINC ION' 'Zn 2'
#
# COMPACT_ATOMS: atom_id res chain seq x y z
N GLN A 1 41.31 -11.92 2.20
CA GLN A 1 40.78 -10.55 2.52
C GLN A 1 40.17 -9.93 1.26
N SER A 2 38.86 -9.79 1.25
CA SER A 2 38.18 -9.16 0.10
C SER A 2 38.39 -7.63 0.10
N LYS A 3 38.42 -7.04 -1.09
CA LYS A 3 38.62 -5.60 -1.21
C LYS A 3 37.34 -4.89 -0.76
N PRO A 4 37.47 -3.82 0.05
CA PRO A 4 36.25 -3.22 0.62
C PRO A 4 35.27 -2.66 -0.44
N TRP A 5 35.80 -2.28 -1.61
CA TRP A 5 34.98 -1.77 -2.69
C TRP A 5 34.20 -2.85 -3.43
N ASN A 6 34.49 -4.12 -3.12
CA ASN A 6 33.70 -5.23 -3.61
C ASN A 6 32.66 -5.73 -2.58
N ARG A 7 32.56 -5.00 -1.47
CA ARG A 7 31.55 -5.28 -0.44
C ARG A 7 30.37 -4.32 -0.56
N TYR A 8 29.18 -4.83 -0.37
CA TYR A 8 27.98 -4.01 -0.55
C TYR A 8 27.74 -2.98 0.55
N ARG A 9 28.23 -3.26 1.76
CA ARG A 9 28.07 -2.32 2.86
C ARG A 9 29.30 -1.40 2.92
N LEU A 10 29.09 -0.14 3.21
CA LEU A 10 30.17 0.86 3.29
C LEU A 10 31.10 0.57 4.48
N PRO A 11 32.37 0.95 4.38
CA PRO A 11 33.21 0.94 5.57
C PRO A 11 32.66 1.89 6.63
N THR A 12 33.11 1.70 7.87
CA THR A 12 32.74 2.61 8.95
C THR A 12 33.89 3.56 9.32
N THR A 13 34.94 3.57 8.50
CA THR A 13 36.11 4.39 8.76
C THR A 13 35.89 5.90 8.56
N LEU A 14 34.93 6.27 7.70
CA LEU A 14 34.66 7.66 7.37
C LEU A 14 33.16 7.94 7.52
N LEU A 15 32.82 8.99 8.24
CA LEU A 15 31.42 9.37 8.42
C LEU A 15 31.17 10.78 7.93
N PRO A 16 30.05 10.99 7.22
CA PRO A 16 29.81 12.31 6.65
C PRO A 16 29.35 13.28 7.75
N ASP A 17 29.71 14.55 7.59
CA ASP A 17 29.28 15.66 8.45
C ASP A 17 28.17 16.44 7.76
N SER A 18 28.45 16.87 6.53
CA SER A 18 27.56 17.80 5.83
C SER A 18 27.93 17.86 4.35
N TYR A 19 26.93 18.16 3.53
CA TYR A 19 27.07 18.21 2.08
C TYR A 19 26.60 19.57 1.58
N ASN A 20 27.30 20.09 0.59
CA ASN A 20 26.72 21.05 -0.34
C ASN A 20 26.40 20.31 -1.62
N VAL A 21 25.19 20.51 -2.14
CA VAL A 21 24.83 19.94 -3.42
C VAL A 21 24.13 20.99 -4.26
N THR A 22 24.60 21.15 -5.48
CA THR A 22 23.98 22.01 -6.48
C THR A 22 23.59 21.18 -7.69
N LEU A 23 22.32 21.19 -8.02
CA LEU A 23 21.82 20.43 -9.17
C LEU A 23 21.19 21.36 -10.21
N ARG A 24 21.37 21.01 -11.48
CA ARG A 24 20.84 21.82 -12.55
C ARG A 24 20.24 20.89 -13.62
N PRO A 25 18.91 20.71 -13.59
CA PRO A 25 18.22 19.95 -14.61
C PRO A 25 18.10 20.76 -15.93
N TYR A 26 18.32 20.07 -17.04
CA TYR A 26 18.02 20.62 -18.36
C TYR A 26 16.74 19.99 -18.92
N LEU A 27 15.64 20.74 -18.86
CA LEU A 27 14.33 20.26 -19.21
C LEU A 27 14.05 20.33 -20.73
N THR A 28 15.07 20.69 -21.47
CA THR A 28 15.05 20.65 -22.94
C THR A 28 16.02 19.56 -23.43
N PRO A 29 15.50 18.60 -24.23
CA PRO A 29 16.34 17.52 -24.75
C PRO A 29 17.53 18.07 -25.55
N ASN A 30 18.65 17.36 -25.51
CA ASN A 30 19.82 17.75 -26.29
C ASN A 30 19.73 17.39 -27.77
N ALA A 31 18.51 17.07 -28.22
CA ALA A 31 18.16 17.10 -29.65
C ALA A 31 18.57 15.84 -30.47
N ASP A 32 19.55 15.13 -29.99
CA ASP A 32 19.57 13.66 -30.14
C ASP A 32 18.67 13.05 -29.08
N GLY A 33 17.97 13.91 -28.35
CA GLY A 33 16.77 13.53 -27.62
C GLY A 33 17.04 13.20 -26.16
N LEU A 34 18.28 13.45 -25.70
CA LEU A 34 18.69 13.13 -24.34
C LEU A 34 18.46 14.29 -23.36
N TYR A 35 17.83 13.98 -22.23
CA TYR A 35 17.71 14.96 -21.15
C TYR A 35 18.82 14.69 -20.11
N ILE A 36 19.53 15.73 -19.70
CA ILE A 36 20.56 15.61 -18.67
C ILE A 36 20.34 16.55 -17.48
N PHE A 37 20.96 16.22 -16.34
CA PHE A 37 21.16 17.17 -15.28
C PHE A 37 22.66 17.28 -14.99
N LYS A 38 23.09 18.42 -14.51
CA LYS A 38 24.48 18.63 -14.14
C LYS A 38 24.50 18.89 -12.62
N GLY A 39 25.56 18.49 -11.96
CA GLY A 39 25.69 18.71 -10.54
C GLY A 39 27.11 19.05 -10.12
N LYS A 40 27.22 19.67 -8.97
CA LYS A 40 28.48 19.83 -8.30
C LYS A 40 28.22 19.53 -6.82
N SER A 41 29.15 18.86 -6.16
CA SER A 41 28.96 18.58 -4.75
C SER A 41 30.24 18.71 -3.93
N ILE A 42 30.09 19.06 -2.66
CA ILE A 42 31.15 18.89 -1.71
C ILE A 42 30.63 18.12 -0.49
N VAL A 43 31.32 17.06 -0.11
CA VAL A 43 30.98 16.39 1.13
C VAL A 43 32.12 16.59 2.14
N ARG A 44 31.76 17.05 3.33
CA ARG A 44 32.68 17.09 4.44
C ARG A 44 32.44 15.84 5.30
N PHE A 45 33.51 15.09 5.57
CA PHE A 45 33.42 13.89 6.37
C PHE A 45 34.56 13.86 7.38
N LEU A 46 34.39 13.02 8.40
CA LEU A 46 35.37 12.86 9.47
C LEU A 46 35.96 11.45 9.42
N CYS A 47 37.27 11.35 9.54
CA CYS A 47 37.94 10.08 9.62
C CYS A 47 37.84 9.50 11.06
N GLN A 48 37.27 8.31 11.18
CA GLN A 48 37.21 7.59 12.47
C GLN A 48 38.39 6.67 12.68
N GLU A 49 38.77 5.94 11.63
CA GLU A 49 39.90 5.00 11.68
C GLU A 49 40.79 5.30 10.48
N PRO A 50 42.10 5.18 10.66
CA PRO A 50 42.95 5.52 9.53
C PRO A 50 42.62 4.65 8.32
N THR A 51 42.64 5.23 7.13
CA THR A 51 42.41 4.48 5.91
C THR A 51 43.00 5.26 4.72
N ASP A 52 43.45 4.53 3.70
CA ASP A 52 44.01 5.11 2.50
C ASP A 52 43.07 4.98 1.30
N VAL A 53 41.78 4.80 1.58
CA VAL A 53 40.80 4.73 0.51
C VAL A 53 39.50 5.42 0.93
N ILE A 54 38.88 6.13 0.02
CA ILE A 54 37.59 6.72 0.27
C ILE A 54 36.59 6.00 -0.61
N ILE A 55 35.59 5.40 0.03
CA ILE A 55 34.58 4.71 -0.69
C ILE A 55 33.23 5.40 -0.44
N ILE A 56 32.60 5.82 -1.51
CA ILE A 56 31.36 6.58 -1.45
C ILE A 56 30.45 6.07 -2.59
N HIS A 57 29.13 6.18 -2.45
CA HIS A 57 28.24 5.68 -3.46
C HIS A 57 28.15 6.60 -4.67
N SER A 58 28.10 6.00 -5.85
CA SER A 58 27.82 6.70 -7.10
C SER A 58 27.16 5.75 -8.09
N LYS A 59 26.10 6.19 -8.74
CA LYS A 59 25.33 5.36 -9.66
C LYS A 59 24.98 6.16 -10.91
N LYS A 60 25.46 5.68 -12.07
CA LYS A 60 25.08 6.30 -13.35
C LYS A 60 25.43 7.81 -13.46
N LEU A 61 26.55 8.16 -12.89
CA LEU A 61 27.08 9.52 -12.96
C LEU A 61 28.39 9.53 -13.73
N ASN A 62 28.50 10.47 -14.67
CA ASN A 62 29.76 10.79 -15.31
C ASN A 62 30.42 11.96 -14.60
N TYR A 63 31.72 11.90 -14.40
CA TYR A 63 32.41 12.93 -13.65
C TYR A 63 33.18 13.86 -14.59
N THR A 64 33.01 15.15 -14.38
CA THR A 64 33.74 16.14 -15.17
C THR A 64 34.69 17.00 -14.32
N THR A 65 34.84 16.64 -13.06
CA THR A 65 35.82 17.26 -12.19
C THR A 65 37.19 17.45 -12.85
N GLN A 66 37.81 18.60 -12.59
CA GLN A 66 39.18 18.86 -13.09
C GLN A 66 40.19 17.92 -12.36
N GLY A 67 41.02 17.23 -13.12
CA GLY A 67 41.95 16.25 -12.58
C GLY A 67 41.36 14.85 -12.45
N HIS A 68 41.44 14.30 -11.24
CA HIS A 68 40.76 13.05 -10.92
C HIS A 68 39.25 13.32 -10.81
N MET A 69 38.48 12.27 -10.56
CA MET A 69 37.03 12.40 -10.47
C MET A 69 36.60 13.25 -9.27
N VAL A 70 37.47 13.35 -8.26
CA VAL A 70 37.23 14.25 -7.14
C VAL A 70 38.43 15.15 -6.88
N VAL A 71 38.21 16.22 -6.14
CA VAL A 71 39.28 16.98 -5.51
C VAL A 71 39.12 16.84 -3.99
N LEU A 72 40.24 16.63 -3.30
CA LEU A 72 40.22 16.31 -1.87
C LEU A 72 40.97 17.37 -1.09
N ARG A 73 40.33 17.98 -0.10
CA ARG A 73 41.02 18.96 0.73
C ARG A 73 40.94 18.62 2.20
N GLY A 74 41.89 19.12 2.99
CA GLY A 74 41.79 19.08 4.44
C GLY A 74 40.93 20.22 4.96
N VAL A 75 40.13 19.95 5.97
CA VAL A 75 39.38 21.01 6.64
C VAL A 75 40.27 21.71 7.65
N GLY A 76 40.13 23.04 7.75
CA GLY A 76 40.96 23.81 8.66
C GLY A 76 42.42 23.73 8.23
N ASP A 77 43.29 23.28 9.15
CA ASP A 77 44.68 23.08 8.76
C ASP A 77 45.14 21.62 8.69
N SER A 78 44.18 20.73 8.43
CA SER A 78 44.55 19.35 8.14
C SER A 78 45.23 19.21 6.78
N GLN A 79 46.33 18.50 6.74
CA GLN A 79 46.94 18.04 5.51
C GLN A 79 46.10 16.91 4.92
N VAL A 80 46.28 16.66 3.63
CA VAL A 80 45.49 15.67 2.92
C VAL A 80 46.46 14.86 2.07
N PRO A 81 46.30 13.54 2.03
CA PRO A 81 47.18 12.79 1.13
C PRO A 81 46.83 13.05 -0.34
N GLU A 82 47.82 12.83 -1.20
CA GLU A 82 47.60 12.91 -2.64
C GLU A 82 46.73 11.74 -3.10
N ILE A 83 45.91 11.99 -4.12
CA ILE A 83 45.12 10.94 -4.76
C ILE A 83 46.03 10.10 -5.66
N ASP A 84 45.93 8.78 -5.55
CA ASP A 84 46.57 7.88 -6.53
C ASP A 84 45.72 7.77 -7.79
N ARG A 85 44.46 7.41 -7.62
CA ARG A 85 43.57 7.27 -8.75
C ARG A 85 42.14 7.17 -8.22
N THR A 86 41.20 7.58 -9.06
CA THR A 86 39.79 7.37 -8.78
C THR A 86 39.19 6.42 -9.81
N GLU A 87 38.34 5.52 -9.38
CA GLU A 87 37.71 4.55 -10.26
C GLU A 87 36.26 4.33 -9.85
N LEU A 88 35.43 3.97 -10.80
CA LEU A 88 34.03 3.64 -10.53
C LEU A 88 33.84 2.10 -10.54
N VAL A 89 33.25 1.57 -9.49
CA VAL A 89 32.97 0.13 -9.38
C VAL A 89 31.46 -0.05 -9.49
N GLU A 90 31.01 -0.46 -10.68
CA GLU A 90 29.58 -0.42 -10.99
C GLU A 90 28.72 -1.35 -10.14
N LEU A 91 29.23 -2.56 -9.87
CA LEU A 91 28.41 -3.60 -9.25
C LEU A 91 27.90 -3.15 -7.87
N THR A 92 28.81 -2.70 -7.03
CA THR A 92 28.51 -2.22 -5.70
C THR A 92 28.22 -0.70 -5.68
N GLU A 93 28.18 -0.09 -6.87
CA GLU A 93 27.75 1.31 -7.02
C GLU A 93 28.63 2.29 -6.22
N TYR A 94 29.94 2.18 -6.41
CA TYR A 94 30.90 2.98 -5.65
C TYR A 94 31.71 3.90 -6.54
N LEU A 95 32.04 5.06 -6.00
CA LEU A 95 33.20 5.81 -6.44
C LEU A 95 34.36 5.58 -5.44
N VAL A 96 35.49 5.15 -5.95
CA VAL A 96 36.61 4.73 -5.12
C VAL A 96 37.83 5.65 -5.31
N VAL A 97 38.22 6.33 -4.24
CA VAL A 97 39.33 7.26 -4.27
C VAL A 97 40.53 6.65 -3.53
N HIS A 98 41.47 6.10 -4.32
CA HIS A 98 42.68 5.52 -3.78
C HIS A 98 43.69 6.61 -3.48
N LEU A 99 44.22 6.60 -2.26
CA LEU A 99 45.13 7.64 -1.80
C LEU A 99 46.58 7.14 -1.70
N LYS A 100 47.52 8.07 -1.80
CA LYS A 100 48.95 7.79 -1.64
C LYS A 100 49.38 7.70 -0.18
N GLY A 101 48.46 7.96 0.75
CA GLY A 101 48.72 7.83 2.19
C GLY A 101 47.42 7.77 2.97
N SER A 102 47.50 7.73 4.29
CA SER A 102 46.28 7.53 5.07
C SER A 102 45.69 8.82 5.60
N LEU A 103 44.37 8.89 5.59
CA LEU A 103 43.63 9.85 6.39
C LEU A 103 43.85 9.54 7.90
N GLN A 104 43.72 10.58 8.72
CA GLN A 104 44.07 10.49 10.14
C GLN A 104 42.85 10.67 11.04
N PRO A 105 42.65 9.74 12.01
CA PRO A 105 41.51 9.81 12.92
C PRO A 105 41.34 11.17 13.54
N GLY A 106 40.13 11.69 13.58
CA GLY A 106 39.83 12.96 14.21
C GLY A 106 39.90 14.15 13.24
N HIS A 107 40.51 13.93 12.08
CA HIS A 107 40.59 14.98 11.07
C HIS A 107 39.34 14.99 10.15
N MET A 108 38.99 16.17 9.66
CA MET A 108 37.91 16.33 8.72
C MET A 108 38.45 16.68 7.32
N TYR A 109 37.77 16.20 6.30
CA TYR A 109 38.16 16.42 4.92
C TYR A 109 36.95 16.85 4.10
N GLU A 110 37.21 17.58 3.02
CA GLU A 110 36.18 17.94 2.07
C GLU A 110 36.51 17.39 0.69
N MET A 111 35.56 16.70 0.09
CA MET A 111 35.77 16.10 -1.22
C MET A 111 34.78 16.73 -2.21
N GLU A 112 35.31 17.34 -3.24
CA GLU A 112 34.48 18.08 -4.19
C GLU A 112 34.43 17.31 -5.49
N SER A 113 33.28 17.33 -6.15
CA SER A 113 33.18 16.68 -7.45
C SER A 113 32.25 17.43 -8.39
N GLU A 114 32.48 17.24 -9.68
CA GLU A 114 31.55 17.72 -10.70
C GLU A 114 31.09 16.61 -11.62
N PHE A 115 29.80 16.58 -11.93
CA PHE A 115 29.22 15.39 -12.51
C PHE A 115 27.98 15.68 -13.33
N GLN A 116 27.57 14.73 -14.15
CA GLN A 116 26.28 14.77 -14.79
C GLN A 116 25.70 13.40 -15.01
N GLY A 117 24.38 13.35 -15.14
CA GLY A 117 23.66 12.10 -15.39
C GLY A 117 22.47 12.34 -16.31
N GLU A 118 21.83 11.27 -16.75
CA GLU A 118 20.60 11.40 -17.51
C GLU A 118 19.47 11.81 -16.57
N LEU A 119 18.69 12.80 -17.02
CA LEU A 119 17.42 13.10 -16.39
C LEU A 119 16.35 12.23 -17.04
N ALA A 120 16.36 10.95 -16.70
CA ALA A 120 15.57 9.94 -17.42
C ALA A 120 14.15 9.91 -16.90
N ASP A 121 13.24 9.35 -17.69
CA ASP A 121 11.88 9.21 -17.16
C ASP A 121 11.74 7.84 -16.53
N ASP A 122 12.47 7.63 -15.43
CA ASP A 122 12.65 6.31 -14.84
C ASP A 122 12.28 6.27 -13.35
N LEU A 123 11.74 7.39 -12.85
CA LEU A 123 11.28 7.46 -11.45
C LEU A 123 12.34 7.11 -10.39
N ALA A 124 13.61 7.43 -10.69
CA ALA A 124 14.72 7.03 -9.83
C ALA A 124 15.79 8.12 -9.80
N GLY A 125 16.24 8.47 -8.61
CA GLY A 125 17.17 9.56 -8.38
C GLY A 125 16.54 10.91 -8.75
N PHE A 126 17.32 11.76 -9.40
CA PHE A 126 16.83 12.99 -10.04
C PHE A 126 16.37 12.58 -11.43
N TYR A 127 15.08 12.76 -11.71
CA TYR A 127 14.48 12.21 -12.92
C TYR A 127 13.44 13.15 -13.47
N ARG A 128 12.99 12.90 -14.71
CA ARG A 128 12.01 13.79 -15.35
C ARG A 128 10.63 13.14 -15.41
N SER A 129 9.60 13.96 -15.27
CA SER A 129 8.22 13.53 -15.47
C SER A 129 7.52 14.42 -16.50
N GLU A 130 7.03 13.81 -17.57
CA GLU A 130 6.33 14.48 -18.67
C GLU A 130 4.82 14.37 -18.50
N TYR A 131 4.11 15.46 -18.75
CA TYR A 131 2.64 15.47 -18.66
C TYR A 131 2.06 16.53 -19.59
N MET A 132 0.74 16.49 -19.79
CA MET A 132 0.07 17.37 -20.76
C MET A 132 -0.68 18.55 -20.11
N GLU A 133 -0.50 19.75 -20.67
CA GLU A 133 -1.37 20.88 -20.36
C GLU A 133 -1.91 21.52 -21.64
N GLY A 134 -3.12 21.11 -22.03
CA GLY A 134 -3.70 21.56 -23.30
C GLY A 134 -2.91 20.99 -24.46
N ASN A 135 -2.34 21.89 -25.27
CA ASN A 135 -1.58 21.48 -26.46
C ASN A 135 -0.19 20.96 -26.11
N VAL A 136 0.33 21.35 -24.94
CA VAL A 136 1.76 21.31 -24.69
C VAL A 136 2.13 20.12 -23.78
N LYS A 137 3.11 19.33 -24.21
CA LYS A 137 3.84 18.45 -23.33
C LYS A 137 4.71 19.27 -22.36
N LYS A 138 4.46 19.11 -21.07
CA LYS A 138 5.29 19.73 -20.04
C LYS A 138 6.25 18.69 -19.44
N VAL A 139 7.41 19.17 -19.00
CA VAL A 139 8.42 18.33 -18.39
C VAL A 139 8.83 18.99 -17.08
N LEU A 140 8.78 18.26 -15.98
CA LEU A 140 9.35 18.73 -14.72
C LEU A 140 10.48 17.82 -14.25
N ALA A 141 11.24 18.29 -13.27
CA ALA A 141 12.33 17.54 -12.71
C ALA A 141 12.00 17.29 -11.24
N THR A 142 12.15 16.05 -10.80
CA THR A 142 11.78 15.69 -9.45
C THR A 142 12.64 14.51 -8.98
N THR A 143 12.45 14.07 -7.75
CA THR A 143 13.34 13.07 -7.19
C THR A 143 12.58 11.87 -6.61
N GLN A 144 13.24 10.74 -6.59
CA GLN A 144 12.82 9.60 -5.75
C GLN A 144 14.09 8.84 -5.35
N MET A 145 14.58 9.10 -4.15
CA MET A 145 15.81 8.50 -3.66
C MET A 145 15.54 7.10 -3.06
N GLN A 146 14.36 6.91 -2.48
CA GLN A 146 14.00 5.64 -1.83
C GLN A 146 14.23 4.46 -2.81
N SER A 147 15.02 3.45 -2.46
CA SER A 147 15.82 3.36 -1.23
C SER A 147 17.29 3.79 -1.43
N THR A 148 17.84 3.37 -2.57
CA THR A 148 19.27 3.50 -2.80
C THR A 148 19.58 4.31 -4.06
N ASP A 149 18.77 5.36 -4.30
CA ASP A 149 18.98 6.20 -5.47
C ASP A 149 19.46 7.64 -5.23
N ALA A 150 19.71 8.03 -3.98
CA ALA A 150 20.35 9.33 -3.75
C ALA A 150 21.69 9.41 -4.54
N ARG A 151 22.46 8.32 -4.47
CA ARG A 151 23.73 8.12 -5.19
C ARG A 151 23.62 8.26 -6.73
N LYS A 152 22.40 8.20 -7.24
CA LYS A 152 22.14 8.38 -8.68
C LYS A 152 22.05 9.88 -9.02
N SER A 153 21.92 10.71 -8.00
CA SER A 153 21.83 12.17 -8.19
C SER A 153 23.09 12.93 -7.83
N PHE A 154 23.85 12.38 -6.87
CA PHE A 154 25.14 12.93 -6.45
C PHE A 154 25.87 11.90 -5.58
N PRO A 155 27.22 11.97 -5.57
CA PRO A 155 27.97 10.97 -4.82
C PRO A 155 27.76 11.19 -3.31
N CYS A 156 27.41 10.12 -2.61
CA CYS A 156 27.09 10.27 -1.19
C CYS A 156 27.27 8.95 -0.45
N PHE A 157 27.40 9.05 0.87
CA PHE A 157 27.44 7.87 1.74
C PHE A 157 26.00 7.40 1.94
N ASP A 158 25.52 6.61 1.01
CA ASP A 158 24.08 6.45 0.79
C ASP A 158 23.56 5.24 1.60
N GLU A 159 23.68 5.33 2.92
CA GLU A 159 23.05 4.37 3.87
C GLU A 159 22.33 5.16 4.95
N PRO A 160 21.16 4.66 5.39
CA PRO A 160 20.23 5.47 6.20
C PRO A 160 20.81 5.96 7.56
N ALA A 161 21.72 5.22 8.17
CA ALA A 161 22.31 5.64 9.44
C ALA A 161 23.36 6.75 9.31
N MET A 162 23.88 6.94 8.11
CA MET A 162 24.98 7.90 7.89
C MET A 162 24.41 9.28 7.56
N LYS A 163 23.79 9.87 8.57
CA LYS A 163 23.04 11.08 8.44
C LYS A 163 23.98 12.29 8.44
N ALA A 164 23.53 13.40 7.87
CA ALA A 164 24.34 14.59 7.69
C ALA A 164 23.38 15.75 7.46
N THR A 165 23.89 16.96 7.47
CA THR A 165 23.09 18.11 7.02
C THR A 165 23.35 18.32 5.53
N PHE A 166 22.38 18.88 4.84
CA PHE A 166 22.48 19.10 3.39
C PHE A 166 22.12 20.54 3.04
N ASN A 167 23.01 21.18 2.28
CA ASN A 167 22.77 22.48 1.70
C ASN A 167 22.50 22.33 0.20
N ILE A 168 21.25 22.41 -0.18
CA ILE A 168 20.80 22.20 -1.52
C ILE A 168 20.71 23.52 -2.26
N THR A 169 21.24 23.57 -3.47
CA THR A 169 20.98 24.66 -4.42
C THR A 169 20.46 24.10 -5.74
N LEU A 170 19.39 24.68 -6.26
CA LEU A 170 18.85 24.34 -7.59
C LEU A 170 19.15 25.48 -8.55
N ILE A 171 19.67 25.14 -9.72
CA ILE A 171 19.75 26.08 -10.84
C ILE A 171 18.73 25.67 -11.92
N HIS A 172 17.84 26.59 -12.27
CA HIS A 172 16.63 26.23 -12.98
C HIS A 172 16.13 27.40 -13.84
N PRO A 173 15.32 27.10 -14.87
CA PRO A 173 14.73 28.18 -15.66
C PRO A 173 14.05 29.22 -14.74
N ASN A 174 14.18 30.49 -15.08
CA ASN A 174 13.83 31.53 -14.13
C ASN A 174 12.31 31.73 -13.95
N ASN A 175 11.53 31.11 -14.82
CA ASN A 175 10.08 31.13 -14.67
C ASN A 175 9.50 29.86 -14.04
N LEU A 176 10.38 29.00 -13.53
CA LEU A 176 9.96 27.79 -12.83
C LEU A 176 10.19 27.90 -11.34
N THR A 177 9.45 27.15 -10.55
CA THR A 177 9.59 27.17 -9.10
C THR A 177 10.45 25.98 -8.65
N ALA A 178 11.30 26.25 -7.67
CA ALA A 178 12.21 25.23 -7.16
C ALA A 178 11.87 24.95 -5.70
N LEU A 179 11.72 23.67 -5.34
CA LEU A 179 11.34 23.26 -3.99
C LEU A 179 12.33 22.20 -3.49
N SER A 180 12.56 22.18 -2.17
CA SER A 180 13.39 21.14 -1.58
C SER A 180 12.89 20.88 -0.16
N ASN A 181 13.63 20.06 0.59
CA ASN A 181 13.23 19.70 1.94
C ASN A 181 12.91 20.94 2.84
N MET A 182 13.76 21.95 2.69
CA MET A 182 13.74 23.14 3.54
C MET A 182 13.19 24.34 2.78
N PRO A 183 12.87 25.44 3.48
CA PRO A 183 12.51 26.65 2.74
C PRO A 183 13.70 27.19 1.96
N PRO A 184 13.42 27.97 0.91
CA PRO A 184 14.46 28.77 0.25
C PRO A 184 15.05 29.79 1.20
N LYS A 185 16.34 30.02 1.09
CA LYS A 185 17.04 31.03 1.91
C LYS A 185 16.53 32.46 1.70
N GLY A 186 16.16 32.75 0.48
CA GLY A 186 15.72 34.09 0.14
C GLY A 186 15.21 34.03 -1.29
N SER A 187 15.17 35.18 -1.95
CA SER A 187 14.80 35.23 -3.34
C SER A 187 15.86 34.55 -4.19
N SER A 188 15.43 33.93 -5.28
CA SER A 188 16.36 33.41 -6.28
C SER A 188 17.13 34.54 -6.93
N THR A 189 18.33 34.25 -7.41
CA THR A 189 19.12 35.24 -8.11
C THR A 189 19.48 34.71 -9.52
N PRO A 190 19.76 35.61 -10.47
CA PRO A 190 20.05 35.17 -11.84
C PRO A 190 21.38 34.40 -11.86
N LEU A 191 21.46 33.37 -12.70
CA LEU A 191 22.72 32.73 -12.94
C LEU A 191 23.57 33.64 -13.83
N ALA A 192 24.76 34.01 -13.35
CA ALA A 192 25.56 35.04 -14.05
C ALA A 192 25.97 34.62 -15.46
N GLU A 193 26.28 33.33 -15.64
CA GLU A 193 26.65 32.83 -16.96
C GLU A 193 25.48 32.81 -17.95
N ASP A 194 24.25 32.77 -17.44
CA ASP A 194 23.05 32.82 -18.29
C ASP A 194 21.83 33.19 -17.45
N PRO A 195 21.46 34.49 -17.44
CA PRO A 195 20.35 35.03 -16.64
C PRO A 195 18.96 34.48 -16.96
N ASN A 196 18.85 33.69 -18.02
CA ASN A 196 17.60 32.93 -18.25
C ASN A 196 17.37 31.86 -17.16
N TRP A 197 18.45 31.51 -16.47
CA TRP A 197 18.39 30.61 -15.33
C TRP A 197 18.47 31.41 -14.04
N SER A 198 17.88 30.85 -12.99
CA SER A 198 18.01 31.38 -11.65
C SER A 198 18.62 30.35 -10.69
N VAL A 199 19.13 30.85 -9.58
CA VAL A 199 19.74 30.05 -8.54
C VAL A 199 18.91 30.17 -7.28
N THR A 200 18.41 29.04 -6.78
CA THR A 200 17.67 28.99 -5.54
C THR A 200 18.42 28.15 -4.51
N GLU A 201 18.87 28.80 -3.45
CA GLU A 201 19.52 28.10 -2.33
C GLU A 201 18.48 27.81 -1.27
N PHE A 202 18.62 26.67 -0.60
CA PHE A 202 17.68 26.32 0.47
C PHE A 202 18.39 26.35 1.83
N GLU A 203 17.65 26.60 2.89
CA GLU A 203 18.18 26.47 4.24
C GLU A 203 18.78 25.05 4.49
N THR A 204 19.80 25.01 5.33
CA THR A 204 20.39 23.74 5.78
C THR A 204 19.33 22.80 6.38
N THR A 205 19.33 21.55 5.92
CA THR A 205 18.44 20.55 6.52
C THR A 205 18.91 20.26 7.96
N PRO A 206 18.05 19.65 8.77
CA PRO A 206 18.59 18.94 9.93
C PRO A 206 19.45 17.75 9.53
N VAL A 207 20.11 17.16 10.51
CA VAL A 207 20.82 15.92 10.32
C VAL A 207 19.77 14.91 9.84
N MET A 208 20.05 14.28 8.71
CA MET A 208 19.04 13.45 8.00
C MET A 208 19.65 12.43 7.03
N SER A 209 18.87 11.46 6.66
CA SER A 209 19.29 10.39 5.78
C SER A 209 19.18 10.86 4.31
N THR A 210 20.09 10.36 3.49
CA THR A 210 20.07 10.59 2.07
C THR A 210 18.80 10.16 1.37
N TYR A 211 18.22 9.02 1.80
CA TYR A 211 17.03 8.52 1.10
C TYR A 211 15.79 9.43 1.24
N LEU A 212 15.91 10.45 2.08
CA LEU A 212 14.77 11.36 2.37
C LEU A 212 14.91 12.75 1.73
N LEU A 213 16.00 12.95 1.00
CA LEU A 213 16.17 14.18 0.21
C LEU A 213 15.18 14.29 -0.92
N ALA A 214 14.80 15.53 -1.24
CA ALA A 214 13.94 15.82 -2.40
C ALA A 214 14.23 17.20 -2.96
N TYR A 215 14.11 17.31 -4.27
CA TYR A 215 14.14 18.62 -4.92
C TYR A 215 13.41 18.57 -6.25
N ILE A 216 12.65 19.62 -6.53
CA ILE A 216 11.72 19.61 -7.63
C ILE A 216 11.72 20.95 -8.34
N VAL A 217 11.79 20.90 -9.67
CA VAL A 217 11.65 22.08 -10.50
C VAL A 217 10.45 21.90 -11.39
N SER A 218 9.51 22.83 -11.32
CA SER A 218 8.25 22.74 -12.07
C SER A 218 7.53 24.08 -12.20
N GLU A 219 6.40 24.05 -12.93
CA GLU A 219 5.48 25.20 -13.02
C GLU A 219 4.36 25.13 -11.99
N PHE A 220 4.48 24.23 -11.01
CA PHE A 220 3.37 23.97 -10.10
C PHE A 220 3.00 25.18 -9.26
N GLN A 221 1.75 25.26 -8.90
CA GLN A 221 1.24 26.24 -7.96
C GLN A 221 0.71 25.58 -6.70
N SER A 222 0.37 26.39 -5.70
CA SER A 222 0.06 25.86 -4.38
C SER A 222 -1.16 26.56 -3.75
N VAL A 223 -1.86 25.82 -2.91
CA VAL A 223 -2.70 26.42 -1.87
C VAL A 223 -2.00 26.33 -0.51
N ASN A 224 -2.21 27.31 0.35
CA ASN A 224 -1.38 27.50 1.54
C ASN A 224 -2.22 27.72 2.80
N GLU A 225 -1.65 27.34 3.93
CA GLU A 225 -2.16 27.76 5.23
C GLU A 225 -1.00 27.87 6.21
N THR A 226 -1.08 28.83 7.11
CA THR A 226 -0.09 28.95 8.17
C THR A 226 -0.75 28.46 9.44
N ALA A 227 -0.35 27.27 9.91
CA ALA A 227 -0.74 26.80 11.26
C ALA A 227 -0.39 27.87 12.30
N GLN A 228 -0.95 27.72 13.49
CA GLN A 228 -0.86 28.75 14.54
C GLN A 228 0.53 28.91 15.14
N ASN A 229 1.35 27.86 15.00
CA ASN A 229 2.75 27.91 15.42
C ASN A 229 3.67 28.34 14.28
N GLY A 230 3.07 28.90 13.22
CA GLY A 230 3.83 29.53 12.15
C GLY A 230 4.37 28.54 11.14
N VAL A 231 4.05 27.26 11.33
CA VAL A 231 4.43 26.25 10.33
C VAL A 231 3.64 26.45 9.04
N LEU A 232 4.34 26.67 7.95
CA LEU A 232 3.72 26.90 6.67
C LEU A 232 3.33 25.55 6.02
N ILE A 233 2.07 25.42 5.64
CA ILE A 233 1.55 24.21 5.00
C ILE A 233 1.15 24.57 3.56
N ARG A 234 1.73 23.88 2.57
CA ARG A 234 1.30 24.06 1.20
C ARG A 234 0.98 22.75 0.51
N ILE A 235 -0.01 22.76 -0.36
CA ILE A 235 -0.29 21.66 -1.28
C ILE A 235 0.05 22.16 -2.69
N TRP A 236 0.91 21.44 -3.39
CA TRP A 236 1.38 21.84 -4.73
C TRP A 236 0.79 20.91 -5.77
N ALA A 237 0.42 21.45 -6.92
CA ALA A 237 -0.12 20.65 -8.01
C ALA A 237 -0.04 21.42 -9.32
N ARG A 238 -0.35 20.75 -10.41
CA ARG A 238 -0.52 21.42 -11.70
C ARG A 238 -1.39 22.67 -11.55
N PRO A 239 -1.01 23.76 -12.23
CA PRO A 239 -1.81 24.97 -12.18
C PRO A 239 -3.31 24.72 -12.39
N ASN A 240 -3.69 23.86 -13.33
CA ASN A 240 -5.11 23.64 -13.61
C ASN A 240 -5.81 22.85 -12.49
N ALA A 241 -5.13 21.85 -11.93
CA ALA A 241 -5.64 21.17 -10.74
C ALA A 241 -5.89 22.14 -9.60
N ILE A 242 -4.95 23.03 -9.34
CA ILE A 242 -5.07 24.01 -8.26
C ILE A 242 -6.24 24.98 -8.52
N ALA A 243 -6.32 25.51 -9.73
CA ALA A 243 -7.44 26.38 -10.10
C ALA A 243 -8.82 25.73 -9.96
N GLU A 244 -8.86 24.40 -10.07
CA GLU A 244 -10.13 23.67 -9.97
C GLU A 244 -10.50 23.37 -8.52
N GLY A 245 -9.57 23.63 -7.61
CA GLY A 245 -9.84 23.48 -6.17
C GLY A 245 -9.57 22.07 -5.66
N HIS A 246 -8.87 21.30 -6.47
CA HIS A 246 -8.65 19.89 -6.19
C HIS A 246 -7.65 19.66 -5.04
N GLY A 247 -6.93 20.71 -4.67
CA GLY A 247 -6.02 20.66 -3.54
C GLY A 247 -6.64 20.90 -2.18
N MET A 248 -7.90 21.35 -2.14
CA MET A 248 -8.49 21.85 -0.92
C MET A 248 -8.66 20.81 0.19
N TYR A 249 -9.10 19.59 -0.17
CA TYR A 249 -9.30 18.57 0.87
C TYR A 249 -7.97 18.26 1.60
N ALA A 250 -6.95 17.98 0.82
CA ALA A 250 -5.60 17.77 1.35
C ALA A 250 -5.18 18.91 2.29
N LEU A 251 -5.36 20.16 1.84
CA LEU A 251 -5.07 21.31 2.70
C LEU A 251 -5.90 21.28 3.98
N ASN A 252 -7.18 20.97 3.84
CA ASN A 252 -8.08 20.85 4.99
C ASN A 252 -7.57 19.92 6.08
N VAL A 253 -7.07 18.75 5.71
CA VAL A 253 -6.78 17.73 6.71
C VAL A 253 -5.34 17.77 7.24
N THR A 254 -4.47 18.46 6.51
CA THR A 254 -3.05 18.41 6.80
C THR A 254 -2.73 19.03 8.16
N GLY A 255 -3.29 20.21 8.40
CA GLY A 255 -3.14 20.89 9.69
C GLY A 255 -3.58 20.04 10.87
N PRO A 256 -4.85 19.57 10.85
CA PRO A 256 -5.27 18.70 11.95
C PRO A 256 -4.37 17.44 12.14
N ILE A 257 -3.96 16.81 11.04
CA ILE A 257 -3.11 15.64 11.13
C ILE A 257 -1.75 15.92 11.75
N LEU A 258 -1.09 16.99 11.30
CA LEU A 258 0.19 17.39 11.89
C LEU A 258 0.02 17.68 13.38
N ASN A 259 -1.07 18.37 13.73
CA ASN A 259 -1.36 18.65 15.12
C ASN A 259 -1.55 17.37 15.93
N PHE A 260 -2.31 16.44 15.40
CA PHE A 260 -2.50 15.18 16.09
C PHE A 260 -1.15 14.48 16.38
N PHE A 261 -0.28 14.41 15.38
CA PHE A 261 0.96 13.67 15.56
C PHE A 261 1.93 14.34 16.52
N ALA A 262 1.98 15.68 16.52
CA ALA A 262 2.85 16.40 17.45
C ALA A 262 2.48 16.02 18.89
N ASN A 263 1.18 16.04 19.18
CA ASN A 263 0.68 15.58 20.47
C ASN A 263 0.86 14.06 20.69
N HIS A 264 0.49 13.25 19.70
CA HIS A 264 0.65 11.80 19.79
C HIS A 264 2.07 11.39 20.13
N TYR A 265 3.01 12.07 19.52
CA TYR A 265 4.42 11.70 19.62
C TYR A 265 5.08 12.48 20.77
N ASN A 266 4.32 13.40 21.37
CA ASN A 266 4.89 14.26 22.40
C ASN A 266 6.15 15.03 21.91
N THR A 267 6.16 15.39 20.63
CA THR A 267 7.33 15.93 19.97
C THR A 267 6.89 16.92 18.89
N SER A 268 7.40 18.14 18.97
CA SER A 268 7.12 19.16 17.96
C SER A 268 7.50 18.68 16.56
N TYR A 269 6.67 19.05 15.59
CA TYR A 269 7.00 18.89 14.16
C TYR A 269 8.36 19.53 13.93
N PRO A 270 9.34 18.73 13.42
CA PRO A 270 10.73 19.14 13.48
C PRO A 270 11.19 20.09 12.35
N LEU A 271 10.28 20.59 11.53
CA LEU A 271 10.66 21.41 10.38
C LEU A 271 9.86 22.73 10.34
N PRO A 272 10.39 23.72 9.57
CA PRO A 272 9.69 25.01 9.54
C PRO A 272 8.47 25.02 8.61
N LYS A 273 8.42 24.03 7.71
CA LYS A 273 7.37 24.01 6.71
C LYS A 273 7.03 22.57 6.30
N SER A 274 5.82 22.40 5.77
CA SER A 274 5.37 21.15 5.17
C SER A 274 4.86 21.39 3.75
N ASP A 275 5.56 20.85 2.75
CA ASP A 275 5.05 20.80 1.39
C ASP A 275 4.58 19.40 1.07
N GLN A 276 3.46 19.30 0.37
CA GLN A 276 3.04 18.07 -0.25
C GLN A 276 2.73 18.35 -1.71
N ILE A 277 3.17 17.47 -2.59
CA ILE A 277 3.04 17.74 -4.01
C ILE A 277 2.41 16.56 -4.73
N ALA A 278 1.41 16.85 -5.56
CA ALA A 278 0.72 15.87 -6.40
C ALA A 278 1.38 15.74 -7.77
N LEU A 279 1.93 14.58 -8.07
CA LEU A 279 2.63 14.36 -9.32
C LEU A 279 1.81 13.44 -10.24
N PRO A 280 1.65 13.82 -11.51
CA PRO A 280 0.87 12.92 -12.39
C PRO A 280 1.66 11.62 -12.67
N ASP A 281 0.99 10.48 -12.52
CA ASP A 281 1.63 9.16 -12.78
C ASP A 281 2.90 8.90 -11.96
N PHE A 282 2.88 9.28 -10.69
CA PHE A 282 3.98 8.89 -9.79
C PHE A 282 3.74 7.48 -9.34
N ASN A 283 4.36 6.52 -9.99
CA ASN A 283 4.06 5.07 -9.83
C ASN A 283 4.38 4.53 -8.45
N ALA A 284 5.30 5.19 -7.75
CA ALA A 284 5.66 4.78 -6.41
C ALA A 284 4.58 5.07 -5.37
N GLY A 285 3.50 5.76 -5.78
CA GLY A 285 2.38 6.07 -4.92
C GLY A 285 2.52 7.30 -4.03
N ALA A 286 3.41 7.19 -3.03
CA ALA A 286 3.77 8.32 -2.16
C ALA A 286 5.15 8.10 -1.53
N MET A 287 5.84 9.20 -1.21
CA MET A 287 7.15 9.10 -0.60
C MET A 287 7.36 10.20 0.44
N GLU A 288 7.79 9.79 1.63
CA GLU A 288 7.77 10.63 2.81
C GLU A 288 8.99 11.59 2.95
N ASN A 289 9.49 12.12 1.84
CA ASN A 289 10.66 13.01 1.90
C ASN A 289 10.44 14.13 2.93
N TRP A 290 11.44 14.35 3.76
CA TRP A 290 11.25 15.14 4.96
C TRP A 290 11.02 16.62 4.59
N GLY A 291 9.78 17.07 4.74
CA GLY A 291 9.42 18.45 4.45
C GLY A 291 8.90 18.66 3.02
N LEU A 292 8.92 17.60 2.22
CA LEU A 292 8.50 17.68 0.83
C LEU A 292 7.99 16.30 0.36
N VAL A 293 6.80 15.95 0.80
CA VAL A 293 6.21 14.65 0.51
C VAL A 293 5.58 14.65 -0.88
N THR A 294 5.92 13.62 -1.66
CA THR A 294 5.42 13.46 -3.02
C THR A 294 4.31 12.38 -3.06
N TYR A 295 3.31 12.61 -3.89
CA TYR A 295 2.16 11.72 -4.06
C TYR A 295 1.84 11.60 -5.54
N ARG A 296 1.26 10.45 -5.95
CA ARG A 296 0.59 10.45 -7.24
C ARG A 296 -0.65 11.32 -7.09
N GLU A 297 -1.04 11.98 -8.16
CA GLU A 297 -2.10 12.98 -8.13
C GLU A 297 -3.36 12.43 -7.50
N ASN A 298 -3.79 11.29 -8.00
CA ASN A 298 -5.04 10.69 -7.55
C ASN A 298 -5.01 10.32 -6.08
N ALA A 299 -3.84 10.40 -5.46
CA ALA A 299 -3.72 10.06 -4.04
C ALA A 299 -3.81 11.29 -3.15
N LEU A 300 -3.57 12.47 -3.72
CA LEU A 300 -3.54 13.69 -2.92
C LEU A 300 -4.69 14.62 -3.29
N LEU A 301 -5.05 14.63 -4.56
CA LEU A 301 -6.08 15.51 -5.06
C LEU A 301 -7.47 14.88 -4.91
N PHE A 302 -8.48 15.73 -4.78
CA PHE A 302 -9.84 15.30 -4.61
C PHE A 302 -10.78 16.25 -5.34
N ASP A 303 -11.61 15.71 -6.22
CA ASP A 303 -12.65 16.50 -6.87
C ASP A 303 -14.02 16.17 -6.30
N PRO A 304 -14.60 17.09 -5.52
CA PRO A 304 -15.89 16.79 -4.87
C PRO A 304 -16.99 16.48 -5.90
N GLN A 305 -16.87 17.01 -7.11
CA GLN A 305 -17.92 16.86 -8.11
C GLN A 305 -17.99 15.47 -8.70
N SER A 306 -16.87 14.76 -8.68
CA SER A 306 -16.79 13.50 -9.40
C SER A 306 -16.16 12.37 -8.60
N SER A 307 -15.66 12.69 -7.41
CA SER A 307 -14.93 11.73 -6.59
C SER A 307 -15.85 11.09 -5.58
N SER A 308 -15.71 9.79 -5.37
CA SER A 308 -16.50 9.07 -4.40
C SER A 308 -15.92 9.22 -2.99
N ILE A 309 -16.69 8.82 -2.00
CA ILE A 309 -16.28 8.80 -0.61
C ILE A 309 -15.03 7.94 -0.37
N SER A 310 -14.92 6.80 -1.04
CA SER A 310 -13.75 5.95 -0.83
C SER A 310 -12.50 6.68 -1.30
N ASN A 311 -12.64 7.56 -2.29
CA ASN A 311 -11.54 8.40 -2.74
C ASN A 311 -11.11 9.39 -1.67
N LYS A 312 -12.10 9.94 -0.97
CA LYS A 312 -11.83 10.86 0.13
C LYS A 312 -11.06 10.12 1.22
N GLU A 313 -11.51 8.90 1.51
CA GLU A 313 -10.84 8.08 2.50
C GLU A 313 -9.38 7.77 2.10
N ARG A 314 -9.14 7.49 0.81
CA ARG A 314 -7.77 7.27 0.36
C ARG A 314 -6.88 8.49 0.60
N VAL A 315 -7.40 9.69 0.34
CA VAL A 315 -6.59 10.90 0.52
C VAL A 315 -6.18 11.14 1.97
N VAL A 316 -7.15 11.11 2.88
CA VAL A 316 -6.84 11.41 4.28
C VAL A 316 -5.91 10.38 4.93
N THR A 317 -6.07 9.12 4.57
CA THR A 317 -5.21 8.08 5.12
C THR A 317 -3.79 8.09 4.50
N VAL A 318 -3.70 8.29 3.19
CA VAL A 318 -2.37 8.40 2.59
C VAL A 318 -1.56 9.61 3.18
N ILE A 319 -2.24 10.74 3.35
CA ILE A 319 -1.62 11.90 4.00
C ILE A 319 -1.18 11.58 5.45
N ALA A 320 -2.08 10.98 6.22
CA ALA A 320 -1.75 10.60 7.60
C ALA A 320 -0.53 9.68 7.61
N HIS A 321 -0.47 8.76 6.66
CA HIS A 321 0.61 7.81 6.61
C HIS A 321 1.96 8.54 6.40
N GLU A 322 2.04 9.31 5.32
CA GLU A 322 3.27 10.00 5.00
C GLU A 322 3.70 10.97 6.11
N LEU A 323 2.73 11.67 6.71
CA LEU A 323 3.06 12.65 7.76
C LEU A 323 3.52 11.97 9.05
N ALA A 324 3.01 10.76 9.28
CA ALA A 324 3.43 9.95 10.43
C ALA A 324 4.96 9.82 10.39
N HIS A 325 5.48 9.59 9.19
CA HIS A 325 6.91 9.33 8.99
C HIS A 325 7.76 10.55 9.35
N GLN A 326 7.16 11.73 9.38
CA GLN A 326 7.94 12.95 9.57
C GLN A 326 8.57 12.94 10.98
N TRP A 327 8.03 12.11 11.88
CA TRP A 327 8.68 11.79 13.14
C TRP A 327 9.24 10.36 13.09
N PHE A 328 8.35 9.38 12.88
CA PHE A 328 8.74 7.98 12.96
C PHE A 328 9.26 7.50 11.61
N GLY A 329 10.57 7.34 11.50
CA GLY A 329 11.21 7.09 10.22
C GLY A 329 12.21 8.19 9.84
N ASN A 330 11.80 9.45 9.96
CA ASN A 330 12.60 10.57 9.44
C ASN A 330 13.42 11.26 10.56
N LEU A 331 12.73 11.65 11.64
CA LEU A 331 13.42 12.13 12.84
C LEU A 331 14.28 11.02 13.51
N VAL A 332 13.63 9.88 13.78
CA VAL A 332 14.35 8.70 14.22
C VAL A 332 14.27 7.62 13.11
N THR A 333 15.43 7.19 12.66
CA THR A 333 15.52 6.37 11.45
C THR A 333 16.05 4.97 11.77
N LEU A 334 15.41 3.95 11.22
CA LEU A 334 15.95 2.58 11.39
C LEU A 334 17.32 2.47 10.70
N ALA A 335 18.28 1.89 11.44
CA ALA A 335 19.67 1.86 11.02
C ALA A 335 19.86 1.13 9.70
N TRP A 336 18.99 0.18 9.41
CA TRP A 336 19.17 -0.63 8.21
C TRP A 336 17.86 -1.19 7.69
N TRP A 337 17.86 -1.51 6.40
CA TRP A 337 16.66 -1.86 5.67
C TRP A 337 15.99 -3.16 6.14
N ASN A 338 16.75 -4.03 6.80
CA ASN A 338 16.15 -5.26 7.41
C ASN A 338 15.05 -4.92 8.45
N ASP A 339 15.11 -3.73 8.99
CA ASP A 339 14.10 -3.24 9.93
C ASP A 339 13.02 -2.36 9.32
N LEU A 340 12.92 -2.38 7.99
CA LEU A 340 11.94 -1.54 7.29
C LEU A 340 10.52 -1.74 7.82
N TRP A 341 10.17 -3.01 8.12
CA TRP A 341 8.83 -3.34 8.59
C TRP A 341 8.37 -2.47 9.79
N LEU A 342 9.29 -2.17 10.67
CA LEU A 342 8.98 -1.32 11.81
C LEU A 342 8.54 0.09 11.36
N ASN A 343 9.35 0.67 10.48
CA ASN A 343 9.02 1.98 9.91
C ASN A 343 7.69 1.98 9.14
N GLU A 344 7.58 1.10 8.14
CA GLU A 344 6.37 1.05 7.32
C GLU A 344 5.19 0.47 8.06
N GLY A 345 5.44 -0.51 8.91
CA GLY A 345 4.37 -1.08 9.74
C GLY A 345 3.81 -0.04 10.68
N PHE A 346 4.71 0.69 11.33
CA PHE A 346 4.28 1.75 12.24
C PHE A 346 3.41 2.82 11.55
N ALA A 347 3.90 3.36 10.43
CA ALA A 347 3.09 4.33 9.65
C ALA A 347 1.77 3.71 9.17
N SER A 348 1.81 2.47 8.71
CA SER A 348 0.60 1.79 8.24
C SER A 348 -0.47 1.60 9.35
N TYR A 349 -0.02 1.55 10.59
CA TYR A 349 -0.93 1.56 11.73
C TYR A 349 -1.42 2.97 12.06
N VAL A 350 -0.51 3.89 12.33
CA VAL A 350 -0.94 5.21 12.84
C VAL A 350 -1.62 6.11 11.80
N GLU A 351 -1.50 5.73 10.52
CA GLU A 351 -2.24 6.43 9.47
C GLU A 351 -3.75 6.48 9.81
N TYR A 352 -4.26 5.39 10.40
CA TYR A 352 -5.65 5.37 10.84
C TYR A 352 -5.93 6.32 12.02
N LEU A 353 -5.01 6.38 12.96
CA LEU A 353 -5.13 7.31 14.10
C LEU A 353 -5.11 8.80 13.66
N GLY A 354 -4.14 9.17 12.83
CA GLY A 354 -4.08 10.52 12.27
C GLY A 354 -5.30 10.90 11.47
N ALA A 355 -5.71 10.02 10.55
CA ALA A 355 -6.90 10.27 9.75
C ALA A 355 -8.16 10.36 10.61
N ASP A 356 -8.24 9.52 11.63
CA ASP A 356 -9.39 9.57 12.55
C ASP A 356 -9.47 10.94 13.24
N HIS A 357 -8.33 11.54 13.54
CA HIS A 357 -8.36 12.89 14.11
C HIS A 357 -8.98 13.89 13.14
N ALA A 358 -8.64 13.76 11.88
CA ALA A 358 -9.12 14.67 10.84
C ALA A 358 -10.59 14.42 10.51
N GLU A 359 -11.00 13.17 10.55
CA GLU A 359 -12.41 12.81 10.28
C GLU A 359 -12.95 11.94 11.42
N PRO A 360 -13.26 12.58 12.57
CA PRO A 360 -13.59 11.83 13.78
C PRO A 360 -14.96 11.09 13.76
N THR A 361 -15.82 11.42 12.81
CA THR A 361 -17.12 10.75 12.73
C THR A 361 -17.10 9.51 11.85
N TRP A 362 -15.94 9.19 11.26
CA TRP A 362 -15.89 8.15 10.22
C TRP A 362 -15.55 6.78 10.74
N ASN A 363 -15.11 6.68 11.99
CA ASN A 363 -14.70 5.40 12.55
C ASN A 363 -13.59 4.71 11.75
N LEU A 364 -12.66 5.50 11.24
CA LEU A 364 -11.64 4.99 10.34
C LEU A 364 -10.75 3.91 10.95
N LYS A 365 -10.56 3.97 12.26
CA LYS A 365 -9.68 3.01 12.93
C LYS A 365 -10.11 1.56 12.68
N ASP A 366 -11.41 1.34 12.53
CA ASP A 366 -11.93 -0.01 12.24
C ASP A 366 -11.34 -0.61 10.95
N LEU A 367 -10.95 0.26 10.01
CA LEU A 367 -10.70 -0.18 8.63
C LEU A 367 -9.40 -0.94 8.50
N ILE A 368 -8.52 -0.81 9.49
CA ILE A 368 -7.31 -1.60 9.54
C ILE A 368 -7.60 -3.12 9.49
N VAL A 369 -8.79 -3.50 9.94
CA VAL A 369 -9.11 -4.92 10.04
C VAL A 369 -9.34 -5.58 8.67
N PRO A 370 -10.31 -5.07 7.91
CA PRO A 370 -10.38 -5.54 6.53
C PRO A 370 -9.15 -5.13 5.72
N GLY A 371 -8.66 -3.92 5.95
CA GLY A 371 -7.66 -3.31 5.04
C GLY A 371 -6.27 -3.88 5.16
N ASP A 372 -5.86 -4.23 6.37
CA ASP A 372 -4.52 -4.76 6.61
C ASP A 372 -4.48 -6.17 7.22
N VAL A 373 -5.24 -6.37 8.31
CA VAL A 373 -5.19 -7.62 9.07
C VAL A 373 -5.60 -8.84 8.21
N TYR A 374 -6.82 -8.86 7.72
CA TYR A 374 -7.28 -10.01 6.94
C TYR A 374 -6.63 -10.07 5.56
N ARG A 375 -6.24 -8.90 5.06
CA ARG A 375 -5.49 -8.84 3.83
C ARG A 375 -4.16 -9.60 3.96
N VAL A 376 -3.35 -9.24 4.94
CA VAL A 376 -2.06 -9.87 5.09
C VAL A 376 -2.16 -11.34 5.60
N MET A 377 -3.18 -11.66 6.37
CA MET A 377 -3.37 -13.05 6.80
C MET A 377 -3.50 -14.04 5.64
N ALA A 378 -4.10 -13.59 4.54
CA ALA A 378 -4.15 -14.38 3.31
C ALA A 378 -2.77 -14.89 2.84
N VAL A 379 -1.74 -14.06 2.92
CA VAL A 379 -0.39 -14.48 2.50
C VAL A 379 0.51 -15.00 3.64
N ASP A 380 0.17 -14.62 4.88
CA ASP A 380 0.92 -15.10 6.04
C ASP A 380 0.43 -16.48 6.51
N ALA A 381 -0.66 -16.95 5.93
CA ALA A 381 -1.18 -18.29 6.23
C ALA A 381 -0.72 -19.27 5.16
N LEU A 382 0.42 -18.97 4.55
CA LEU A 382 1.05 -19.85 3.57
C LEU A 382 2.41 -20.33 4.06
N ALA A 383 2.82 -21.52 3.59
CA ALA A 383 4.13 -22.06 3.93
C ALA A 383 5.26 -21.22 3.38
N SER A 384 4.96 -20.42 2.37
CA SER A 384 5.95 -19.62 1.67
C SER A 384 6.08 -18.21 2.23
N SER A 385 5.47 -17.97 3.40
CA SER A 385 5.58 -16.66 4.04
C SER A 385 7.00 -16.44 4.62
N HIS A 386 7.19 -15.34 5.33
CA HIS A 386 8.47 -15.05 5.95
C HIS A 386 8.31 -14.19 7.21
N PRO A 387 9.25 -14.31 8.15
CA PRO A 387 9.23 -13.48 9.37
C PRO A 387 9.30 -11.98 9.06
N LEU A 388 8.72 -11.16 9.94
CA LEU A 388 8.94 -9.72 9.87
C LEU A 388 10.41 -9.35 9.88
N THR A 389 11.17 -9.97 10.76
CA THR A 389 12.59 -9.68 10.90
C THR A 389 13.44 -10.51 9.94
N THR A 390 14.49 -9.90 9.43
CA THR A 390 15.48 -10.54 8.59
C THR A 390 16.81 -10.12 9.22
N PRO A 391 17.76 -11.05 9.30
CA PRO A 391 19.07 -10.67 9.78
C PRO A 391 19.70 -9.57 8.89
N ALA A 392 20.29 -8.57 9.50
CA ALA A 392 20.81 -7.40 8.78
C ALA A 392 21.87 -7.83 7.74
N GLU A 393 22.59 -8.88 8.09
CA GLU A 393 23.64 -9.38 7.24
C GLU A 393 23.13 -10.18 6.04
N GLU A 394 21.81 -10.38 5.95
CA GLU A 394 21.23 -11.01 4.76
C GLU A 394 20.69 -9.98 3.74
N VAL A 395 20.69 -8.71 4.13
CA VAL A 395 20.11 -7.67 3.31
C VAL A 395 21.22 -6.70 2.87
N ASN A 396 21.73 -6.92 1.65
CA ASN A 396 22.93 -6.25 1.19
C ASN A 396 22.75 -5.49 -0.10
N THR A 397 22.15 -6.13 -1.10
CA THR A 397 22.10 -5.56 -2.45
C THR A 397 20.89 -4.64 -2.54
N PRO A 398 20.87 -3.75 -3.56
CA PRO A 398 19.69 -2.93 -3.75
C PRO A 398 18.43 -3.76 -4.02
N ALA A 399 18.58 -4.88 -4.76
CA ALA A 399 17.46 -5.81 -4.98
C ALA A 399 16.94 -6.42 -3.65
N GLN A 400 17.86 -6.90 -2.82
CA GLN A 400 17.48 -7.41 -1.49
C GLN A 400 16.80 -6.37 -0.60
N ILE A 401 17.23 -5.12 -0.72
CA ILE A 401 16.59 -4.01 -0.02
C ILE A 401 15.16 -3.80 -0.51
N SER A 402 14.97 -3.81 -1.83
CA SER A 402 13.63 -3.65 -2.41
C SER A 402 12.62 -4.73 -1.98
N GLU A 403 13.12 -5.95 -1.77
CA GLU A 403 12.27 -7.06 -1.36
C GLU A 403 11.69 -6.84 0.04
N MET A 404 12.27 -5.89 0.78
CA MET A 404 11.72 -5.54 2.11
C MET A 404 10.34 -4.86 2.02
N PHE A 405 10.05 -4.27 0.88
CA PHE A 405 8.83 -3.46 0.75
C PHE A 405 7.67 -4.33 0.28
N ASP A 406 7.15 -5.16 1.16
CA ASP A 406 6.07 -6.05 0.77
C ASP A 406 4.93 -6.05 1.80
N SER A 407 3.90 -6.83 1.50
CA SER A 407 2.69 -6.93 2.28
C SER A 407 2.98 -7.19 3.75
N ILE A 408 3.90 -8.12 3.99
CA ILE A 408 4.25 -8.55 5.34
C ILE A 408 4.81 -7.34 6.13
N SER A 409 5.77 -6.66 5.54
CA SER A 409 6.37 -5.48 6.17
C SER A 409 5.33 -4.41 6.54
N TYR A 410 4.47 -4.06 5.61
CA TYR A 410 3.50 -2.98 5.83
C TYR A 410 2.32 -3.46 6.70
N SER A 411 1.62 -4.49 6.22
CA SER A 411 0.32 -4.86 6.77
C SER A 411 0.42 -5.77 8.02
N LYS A 412 1.36 -6.72 8.01
CA LYS A 412 1.62 -7.46 9.24
C LYS A 412 2.34 -6.59 10.29
N GLY A 413 3.29 -5.78 9.82
CA GLY A 413 3.89 -4.76 10.68
C GLY A 413 2.85 -3.91 11.39
N ALA A 414 1.93 -3.33 10.63
CA ALA A 414 0.80 -2.59 11.20
C ALA A 414 -0.01 -3.47 12.20
N SER A 415 -0.30 -4.69 11.80
CA SER A 415 -1.15 -5.56 12.61
C SER A 415 -0.49 -5.86 13.96
N VAL A 416 0.77 -6.24 13.94
CA VAL A 416 1.44 -6.61 15.21
C VAL A 416 1.71 -5.38 16.09
N ILE A 417 2.00 -4.23 15.48
CA ILE A 417 2.17 -3.02 16.26
C ILE A 417 0.84 -2.60 16.92
N ARG A 418 -0.26 -2.70 16.18
CA ARG A 418 -1.57 -2.43 16.74
C ARG A 418 -1.85 -3.37 17.94
N MET A 419 -1.57 -4.65 17.76
CA MET A 419 -1.74 -5.60 18.85
C MET A 419 -0.98 -5.15 20.10
N LEU A 420 0.27 -4.73 19.88
CA LEU A 420 1.20 -4.33 20.92
C LEU A 420 0.68 -3.11 21.66
N SER A 421 0.28 -2.09 20.92
CA SER A 421 -0.36 -0.92 21.52
C SER A 421 -1.57 -1.32 22.39
N ASN A 422 -2.39 -2.22 21.87
CA ASN A 422 -3.60 -2.62 22.56
C ASN A 422 -3.35 -3.35 23.89
N PHE A 423 -2.41 -4.27 23.89
CA PHE A 423 -2.12 -5.03 25.10
C PHE A 423 -1.31 -4.25 26.14
N LEU A 424 -0.59 -3.24 25.66
CA LEU A 424 0.04 -2.26 26.54
C LEU A 424 -0.90 -1.17 27.06
N THR A 425 -2.04 -1.01 26.40
CA THR A 425 -2.82 0.24 26.39
C THR A 425 -2.12 1.40 25.67
N GLU A 426 -2.91 2.23 25.03
CA GLU A 426 -2.37 3.23 24.15
C GLU A 426 -1.60 4.26 24.94
N ASP A 427 -2.08 4.60 26.13
CA ASP A 427 -1.39 5.58 26.98
C ASP A 427 0.03 5.15 27.31
N LEU A 428 0.17 3.88 27.67
CA LEU A 428 1.47 3.29 27.97
C LEU A 428 2.34 3.22 26.71
N PHE A 429 1.74 2.80 25.61
CA PHE A 429 2.44 2.72 24.33
C PHE A 429 3.02 4.09 23.94
N LYS A 430 2.21 5.14 24.07
CA LYS A 430 2.63 6.50 23.71
C LYS A 430 3.77 6.98 24.60
N GLU A 431 3.76 6.59 25.86
CA GLU A 431 4.82 7.02 26.77
C GLU A 431 6.16 6.46 26.33
N GLY A 432 6.18 5.17 26.00
CA GLY A 432 7.40 4.52 25.54
C GLY A 432 7.83 5.07 24.17
N LEU A 433 6.86 5.27 23.29
CA LEU A 433 7.13 5.83 21.97
C LEU A 433 7.76 7.24 22.07
N ALA A 434 7.25 8.08 22.97
CA ALA A 434 7.81 9.41 23.21
C ALA A 434 9.23 9.32 23.77
N SER A 435 9.41 8.43 24.75
CA SER A 435 10.74 8.17 25.28
C SER A 435 11.75 7.78 24.18
N TYR A 436 11.33 6.91 23.27
CA TYR A 436 12.15 6.44 22.17
C TYR A 436 12.50 7.58 21.18
N LEU A 437 11.49 8.38 20.81
CA LEU A 437 11.70 9.49 19.90
C LEU A 437 12.62 10.55 20.52
N HIS A 438 12.46 10.85 21.80
CA HIS A 438 13.34 11.84 22.44
C HIS A 438 14.79 11.34 22.59
N ALA A 439 14.96 10.07 22.90
CA ALA A 439 16.29 9.48 23.06
C ALA A 439 17.09 9.41 21.77
N PHE A 440 16.41 9.14 20.66
CA PHE A 440 17.09 8.85 19.39
C PHE A 440 16.89 9.91 18.28
N ALA A 441 16.29 11.05 18.63
CA ALA A 441 16.13 12.14 17.69
C ALA A 441 17.41 12.43 16.87
N TYR A 442 17.26 12.47 15.55
CA TYR A 442 18.36 12.76 14.63
C TYR A 442 19.41 11.63 14.60
N GLN A 443 19.03 10.45 15.11
CA GLN A 443 19.93 9.31 15.07
C GLN A 443 19.23 8.06 14.46
N ASN A 444 19.77 6.88 14.73
CA ASN A 444 19.27 5.65 14.12
C ASN A 444 19.04 4.60 15.20
N THR A 445 18.20 3.61 14.91
CA THR A 445 17.78 2.62 15.89
C THR A 445 17.63 1.23 15.26
N THR A 446 17.45 0.22 16.10
CA THR A 446 16.82 -1.03 15.68
C THR A 446 15.50 -1.19 16.45
N TYR A 447 14.69 -2.15 16.05
CA TYR A 447 13.44 -2.42 16.70
C TYR A 447 13.65 -2.77 18.20
N LEU A 448 14.81 -3.29 18.53
CA LEU A 448 15.14 -3.58 19.94
C LEU A 448 15.16 -2.32 20.80
N ASP A 449 15.50 -1.18 20.20
CA ASP A 449 15.46 0.09 20.89
C ASP A 449 14.05 0.54 21.23
N LEU A 450 13.10 0.27 20.35
CA LEU A 450 11.71 0.56 20.66
C LEU A 450 11.19 -0.37 21.79
N TRP A 451 11.49 -1.67 21.69
CA TRP A 451 11.07 -2.61 22.73
C TRP A 451 11.62 -2.16 24.10
N GLU A 452 12.86 -1.70 24.10
CA GLU A 452 13.50 -1.29 25.34
C GLU A 452 12.81 -0.10 25.99
N HIS A 453 12.40 0.87 25.19
CA HIS A 453 11.73 2.05 25.69
C HIS A 453 10.28 1.76 26.12
N LEU A 454 9.60 0.89 25.39
CA LEU A 454 8.31 0.37 25.83
C LEU A 454 8.41 -0.42 27.16
N GLN A 455 9.47 -1.20 27.30
CA GLN A 455 9.74 -1.91 28.57
C GLN A 455 9.96 -0.97 29.74
N LYS A 456 10.70 0.11 29.48
CA LYS A 456 10.89 1.16 30.47
C LYS A 456 9.53 1.71 30.97
N ALA A 457 8.61 1.96 30.04
CA ALA A 457 7.29 2.46 30.40
C ALA A 457 6.45 1.40 31.18
N VAL A 458 6.49 0.16 30.74
CA VAL A 458 5.89 -0.92 31.52
C VAL A 458 6.48 -0.98 32.95
N ASP A 459 7.78 -0.90 33.05
CA ASP A 459 8.45 -1.04 34.32
C ASP A 459 8.15 0.14 35.26
N ALA A 460 7.81 1.28 34.69
CA ALA A 460 7.52 2.47 35.49
C ALA A 460 6.07 2.55 35.96
N GLN A 461 5.31 1.45 35.82
CA GLN A 461 3.93 1.42 36.30
C GLN A 461 3.51 0.03 36.82
N THR A 462 2.30 -0.04 37.36
CA THR A 462 1.89 -1.21 38.18
C THR A 462 0.57 -1.80 37.77
N SER A 463 -0.05 -1.21 36.77
CA SER A 463 -1.44 -1.53 36.44
C SER A 463 -1.47 -2.60 35.31
N ILE A 464 -0.67 -2.40 34.29
CA ILE A 464 -0.54 -3.39 33.22
C ILE A 464 0.57 -4.39 33.54
N ARG A 465 0.17 -5.66 33.65
CA ARG A 465 1.12 -6.75 33.94
C ARG A 465 1.18 -7.74 32.75
N LEU A 466 2.39 -8.09 32.36
CA LEU A 466 2.62 -8.91 31.18
C LEU A 466 3.19 -10.27 31.62
N PRO A 467 2.96 -11.30 30.82
CA PRO A 467 3.44 -12.63 31.18
C PRO A 467 4.94 -12.77 30.95
N ASP A 468 5.52 -11.84 30.19
CA ASP A 468 6.96 -11.87 29.96
C ASP A 468 7.38 -10.44 29.59
N THR A 469 8.64 -10.25 29.25
CA THR A 469 9.11 -8.97 28.75
C THR A 469 8.49 -8.61 27.38
N VAL A 470 8.39 -7.32 27.10
CA VAL A 470 7.92 -6.86 25.79
C VAL A 470 8.70 -7.57 24.66
N ARG A 471 10.01 -7.62 24.80
CA ARG A 471 10.86 -8.27 23.79
C ARG A 471 10.55 -9.77 23.59
N ALA A 472 10.38 -10.50 24.69
CA ALA A 472 10.09 -11.93 24.60
C ALA A 472 8.76 -12.19 23.90
N ILE A 473 7.77 -11.34 24.19
CA ILE A 473 6.47 -11.46 23.57
C ILE A 473 6.55 -11.11 22.08
N MET A 474 7.16 -9.97 21.76
CA MET A 474 7.22 -9.52 20.37
C MET A 474 8.13 -10.42 19.52
N ASP A 475 9.14 -11.04 20.14
CA ASP A 475 9.94 -12.07 19.47
C ASP A 475 9.10 -13.18 18.84
N ARG A 476 8.03 -13.59 19.51
CA ARG A 476 7.14 -14.61 18.97
C ARG A 476 6.49 -14.12 17.65
N TRP A 477 6.23 -12.83 17.57
CA TRP A 477 5.44 -12.29 16.48
C TRP A 477 6.31 -11.73 15.33
N THR A 478 7.61 -11.63 15.58
CA THR A 478 8.55 -11.02 14.64
C THR A 478 9.64 -11.97 14.10
N LEU A 479 10.06 -12.94 14.90
CA LEU A 479 11.15 -13.86 14.51
C LEU A 479 10.66 -15.12 13.76
N GLN A 480 9.40 -15.47 13.89
CA GLN A 480 8.83 -16.59 13.12
C GLN A 480 7.70 -16.06 12.25
N MET A 481 7.47 -16.71 11.11
CA MET A 481 6.41 -16.31 10.19
C MET A 481 5.03 -16.78 10.71
N GLY A 482 3.97 -16.30 10.08
CA GLY A 482 2.65 -16.85 10.26
C GLY A 482 1.97 -16.40 11.55
N PHE A 483 0.89 -17.06 11.90
CA PHE A 483 0.09 -16.72 13.06
C PHE A 483 -0.72 -17.96 13.46
N PRO A 484 -1.22 -18.02 14.70
CA PRO A 484 -1.96 -19.19 15.15
C PRO A 484 -3.46 -19.11 14.88
N VAL A 485 -4.10 -20.27 14.71
CA VAL A 485 -5.53 -20.37 14.97
C VAL A 485 -5.69 -20.78 16.45
N ILE A 486 -6.52 -20.03 17.15
CA ILE A 486 -6.84 -20.33 18.54
C ILE A 486 -8.19 -21.03 18.58
N THR A 487 -8.18 -22.28 19.03
CA THR A 487 -9.38 -23.13 19.03
C THR A 487 -9.91 -23.31 20.45
N VAL A 488 -11.21 -23.07 20.65
CA VAL A 488 -11.82 -23.16 21.96
C VAL A 488 -12.91 -24.25 22.01
N ASP A 489 -12.73 -25.22 22.91
CA ASP A 489 -13.81 -26.12 23.30
C ASP A 489 -14.55 -25.53 24.51
N THR A 490 -15.70 -24.89 24.25
CA THR A 490 -16.45 -24.23 25.32
C THR A 490 -17.08 -25.19 26.34
N LYS A 491 -17.08 -26.48 26.04
CA LYS A 491 -17.61 -27.46 27.00
C LYS A 491 -16.70 -27.56 28.22
N THR A 492 -15.38 -27.38 27.99
CA THR A 492 -14.40 -27.55 29.07
C THR A 492 -13.66 -26.24 29.34
N GLY A 493 -13.70 -25.33 28.38
CA GLY A 493 -12.79 -24.18 28.38
C GLY A 493 -11.35 -24.50 28.02
N ASN A 494 -11.12 -25.67 27.42
CA ASN A 494 -9.82 -25.96 26.80
C ASN A 494 -9.56 -25.00 25.63
N ILE A 495 -8.34 -24.53 25.53
CA ILE A 495 -7.96 -23.56 24.50
C ILE A 495 -6.61 -23.98 23.93
N SER A 496 -6.51 -24.01 22.60
CA SER A 496 -5.28 -24.42 21.96
C SER A 496 -4.84 -23.48 20.83
N GLN A 497 -3.55 -23.56 20.53
CA GLN A 497 -3.01 -22.83 19.38
C GLN A 497 -2.23 -23.78 18.46
N LYS A 498 -2.37 -23.55 17.16
CA LYS A 498 -1.44 -24.13 16.18
C LYS A 498 -1.21 -23.17 14.99
N HIS A 499 -0.04 -23.27 14.40
CA HIS A 499 0.31 -22.49 13.23
C HIS A 499 -0.78 -22.65 12.19
N PHE A 500 -1.45 -21.57 11.80
CA PHE A 500 -2.57 -21.67 10.85
C PHE A 500 -2.12 -21.63 9.39
N LEU A 501 -2.41 -22.69 8.64
CA LEU A 501 -2.25 -22.67 7.19
C LEU A 501 -3.57 -22.94 6.48
N LEU A 502 -3.84 -22.16 5.43
CA LEU A 502 -5.02 -22.33 4.61
C LEU A 502 -5.07 -23.69 3.92
N ASP A 503 -3.91 -24.15 3.47
CA ASP A 503 -3.80 -25.46 2.86
C ASP A 503 -3.44 -26.51 3.90
N SER A 504 -4.42 -27.33 4.27
CA SER A 504 -4.23 -28.33 5.35
C SER A 504 -3.23 -29.43 4.97
N GLU A 505 -2.78 -29.42 3.71
CA GLU A 505 -1.78 -30.38 3.25
C GLU A 505 -0.38 -29.83 3.09
N SER A 506 -0.23 -28.51 3.24
CA SER A 506 1.08 -27.85 3.07
C SER A 506 2.17 -28.46 3.94
N ASN A 507 3.38 -28.59 3.41
CA ASN A 507 4.55 -28.79 4.26
C ASN A 507 5.30 -27.49 4.54
N VAL A 508 5.36 -27.11 5.82
CA VAL A 508 6.17 -26.01 6.27
C VAL A 508 7.61 -26.50 6.43
N THR A 509 8.54 -25.86 5.73
CA THR A 509 9.94 -26.22 5.80
C THR A 509 10.77 -25.16 6.48
N ARG A 510 10.25 -23.94 6.59
CA ARG A 510 10.92 -22.92 7.39
C ARG A 510 10.83 -23.27 8.88
N SER A 511 11.97 -23.44 9.54
CA SER A 511 11.96 -23.78 10.94
C SER A 511 11.83 -22.53 11.84
N SER A 512 11.25 -22.73 13.02
CA SER A 512 11.10 -21.66 13.99
C SER A 512 11.84 -21.97 15.28
N ALA A 513 12.49 -20.93 15.83
CA ALA A 513 13.11 -21.03 17.15
C ALA A 513 12.10 -21.40 18.23
N PHE A 514 10.81 -21.23 17.94
CA PHE A 514 9.77 -21.37 18.93
C PHE A 514 8.80 -22.50 18.64
N ASP A 515 9.12 -23.31 17.63
CA ASP A 515 8.26 -24.41 17.25
C ASP A 515 6.85 -23.95 16.87
N TYR A 516 6.77 -22.75 16.28
CA TYR A 516 5.47 -22.16 15.93
C TYR A 516 4.47 -22.18 17.08
N LEU A 517 4.94 -21.72 18.23
CA LEU A 517 4.09 -21.39 19.36
C LEU A 517 4.22 -19.89 19.66
N TRP A 518 3.09 -19.25 19.96
CA TRP A 518 3.11 -17.84 20.26
C TRP A 518 2.69 -17.55 21.71
N ILE A 519 2.99 -16.35 22.17
CA ILE A 519 2.40 -15.81 23.40
C ILE A 519 1.29 -14.83 23.02
N VAL A 520 0.05 -15.22 23.31
CA VAL A 520 -1.10 -14.61 22.67
C VAL A 520 -2.00 -13.83 23.64
N PRO A 521 -2.21 -12.54 23.38
CA PRO A 521 -3.15 -11.75 24.15
C PRO A 521 -4.61 -12.00 23.71
N ILE A 522 -5.44 -12.45 24.65
CA ILE A 522 -6.76 -12.89 24.32
C ILE A 522 -7.81 -12.15 25.13
N SER A 523 -8.43 -11.16 24.50
CA SER A 523 -9.64 -10.54 25.05
C SER A 523 -10.84 -11.41 24.69
N SER A 524 -11.93 -11.27 25.44
CA SER A 524 -13.12 -12.06 25.14
C SER A 524 -14.37 -11.44 25.70
N ILE A 525 -15.48 -11.73 25.06
CA ILE A 525 -16.78 -11.21 25.43
C ILE A 525 -17.68 -12.43 25.69
N LYS A 526 -18.39 -12.43 26.80
CA LYS A 526 -19.35 -13.50 27.09
C LYS A 526 -20.75 -12.96 27.28
N ASN A 527 -21.68 -13.49 26.50
CA ASN A 527 -23.05 -12.94 26.45
C ASN A 527 -23.06 -11.43 26.37
N GLY A 528 -22.16 -10.89 25.56
CA GLY A 528 -22.15 -9.44 25.29
C GLY A 528 -21.42 -8.65 26.35
N VAL A 529 -20.85 -9.32 27.34
CA VAL A 529 -20.17 -8.64 28.42
C VAL A 529 -18.66 -8.93 28.40
N MET A 530 -17.86 -7.87 28.47
CA MET A 530 -16.40 -7.99 28.45
C MET A 530 -15.91 -8.84 29.62
N GLN A 531 -14.99 -9.76 29.34
CA GLN A 531 -14.38 -10.57 30.39
C GLN A 531 -12.98 -10.09 30.72
N ASP A 532 -12.42 -10.57 31.83
CA ASP A 532 -11.03 -10.30 32.14
C ASP A 532 -10.13 -10.76 30.99
N HIS A 533 -9.10 -9.99 30.75
CA HIS A 533 -8.11 -10.32 29.73
C HIS A 533 -7.32 -11.56 30.10
N TYR A 534 -6.88 -12.30 29.09
CA TYR A 534 -6.19 -13.58 29.28
C TYR A 534 -4.96 -13.61 28.37
N TRP A 535 -3.86 -14.18 28.86
CA TRP A 535 -2.69 -14.46 28.04
C TRP A 535 -2.48 -15.97 27.85
N LEU A 536 -2.56 -16.46 26.61
CA LEU A 536 -2.10 -17.80 26.30
C LEU A 536 -0.58 -17.84 26.28
N ARG A 537 0.02 -18.61 27.19
CA ARG A 537 1.47 -18.77 27.20
C ARG A 537 1.96 -19.61 26.02
N ASP A 538 3.28 -19.81 25.92
CA ASP A 538 3.84 -20.57 24.81
C ASP A 538 3.66 -22.07 25.03
N VAL A 539 2.40 -22.51 25.04
CA VAL A 539 2.05 -23.91 25.16
C VAL A 539 0.99 -24.27 24.10
N SER A 540 0.96 -25.55 23.69
CA SER A 540 -0.02 -26.04 22.71
C SER A 540 -1.45 -25.92 23.24
N GLN A 541 -1.59 -26.12 24.54
CA GLN A 541 -2.87 -26.46 25.10
C GLN A 541 -2.94 -25.85 26.51
N ALA A 542 -4.07 -25.21 26.81
CA ALA A 542 -4.35 -24.80 28.17
C ALA A 542 -5.85 -24.85 28.46
N GLN A 543 -6.23 -24.38 29.63
CA GLN A 543 -7.62 -24.38 30.04
C GLN A 543 -7.94 -23.23 30.96
N ASN A 544 -9.11 -22.64 30.75
CA ASN A 544 -9.55 -21.58 31.62
C ASN A 544 -11.05 -21.43 31.61
N ASP A 545 -11.63 -21.17 32.77
CA ASP A 545 -13.09 -21.08 32.90
C ASP A 545 -13.63 -19.86 32.18
N LEU A 546 -12.76 -18.92 31.86
CA LEU A 546 -13.11 -17.83 30.96
C LEU A 546 -13.74 -18.33 29.66
N PHE A 547 -13.29 -19.48 29.16
CA PHE A 547 -13.72 -19.99 27.86
C PHE A 547 -14.62 -21.20 27.99
N LYS A 548 -15.07 -21.46 29.22
CA LYS A 548 -16.07 -22.50 29.49
C LYS A 548 -17.44 -21.86 29.55
N THR A 549 -18.44 -22.51 28.95
CA THR A 549 -19.80 -21.97 28.90
C THR A 549 -20.84 -22.97 29.43
N ALA A 550 -21.99 -22.45 29.86
CA ALA A 550 -23.20 -23.26 29.97
C ALA A 550 -23.86 -23.35 28.59
N SER A 551 -24.97 -24.06 28.51
CA SER A 551 -25.50 -24.46 27.21
C SER A 551 -26.25 -23.32 26.51
N ASP A 552 -26.77 -22.37 27.29
CA ASP A 552 -27.52 -21.25 26.72
C ASP A 552 -26.64 -19.99 26.63
N ASP A 553 -25.35 -20.10 26.93
CA ASP A 553 -24.45 -18.95 26.87
C ASP A 553 -23.50 -19.02 25.66
N TRP A 554 -22.91 -17.88 25.32
CA TRP A 554 -21.87 -17.89 24.31
C TRP A 554 -20.63 -17.07 24.71
N VAL A 555 -19.49 -17.49 24.17
CA VAL A 555 -18.26 -16.72 24.31
C VAL A 555 -17.62 -16.43 22.96
N LEU A 556 -16.90 -15.32 22.89
CA LEU A 556 -16.32 -14.87 21.62
C LEU A 556 -14.97 -14.22 21.91
N LEU A 557 -13.92 -14.69 21.24
CA LEU A 557 -12.55 -14.24 21.54
C LEU A 557 -12.09 -13.12 20.60
N ASN A 558 -11.08 -12.37 21.04
CA ASN A 558 -10.39 -11.39 20.20
C ASN A 558 -11.27 -10.23 19.80
N VAL A 559 -11.68 -9.45 20.80
CA VAL A 559 -12.62 -8.36 20.59
C VAL A 559 -12.02 -7.35 19.61
N ASN A 560 -12.76 -7.02 18.56
CA ASN A 560 -12.30 -6.06 17.58
C ASN A 560 -11.06 -6.52 16.79
N VAL A 561 -10.78 -7.82 16.84
CA VAL A 561 -9.61 -8.40 16.19
C VAL A 561 -8.34 -7.56 16.40
N THR A 562 -8.07 -7.20 17.65
CA THR A 562 -6.83 -6.52 18.01
C THR A 562 -5.64 -7.48 17.96
N GLY A 563 -5.90 -8.76 18.23
CA GLY A 563 -4.85 -9.78 18.16
C GLY A 563 -4.65 -10.35 16.77
N TYR A 564 -3.40 -10.62 16.43
CA TYR A 564 -3.06 -11.19 15.14
C TYR A 564 -3.24 -12.72 15.10
N PHE A 565 -4.50 -13.16 15.15
CA PHE A 565 -4.83 -14.58 15.09
C PHE A 565 -6.29 -14.76 14.68
N GLN A 566 -6.63 -15.97 14.27
CA GLN A 566 -8.00 -16.32 13.96
C GLN A 566 -8.51 -17.34 14.99
N VAL A 567 -9.84 -17.40 15.15
CA VAL A 567 -10.44 -18.14 16.24
C VAL A 567 -11.45 -19.18 15.73
N ASN A 568 -11.34 -20.40 16.21
CA ASN A 568 -12.35 -21.44 15.99
C ASN A 568 -12.95 -21.90 17.31
N TYR A 569 -14.22 -22.33 17.24
CA TYR A 569 -14.95 -22.89 18.38
C TYR A 569 -15.45 -24.29 18.06
N ASP A 570 -15.87 -25.02 19.10
CA ASP A 570 -16.80 -26.13 18.93
C ASP A 570 -18.08 -25.66 18.23
N GLU A 571 -18.83 -26.61 17.66
CA GLU A 571 -20.03 -26.31 16.90
C GLU A 571 -21.15 -25.64 17.73
N ASP A 572 -21.32 -26.10 18.95
CA ASP A 572 -22.38 -25.60 19.80
C ASP A 572 -22.19 -24.10 20.02
N ASN A 573 -20.95 -23.70 20.30
CA ASN A 573 -20.69 -22.29 20.51
C ASN A 573 -20.91 -21.46 19.26
N TRP A 574 -20.50 -21.99 18.11
CA TRP A 574 -20.83 -21.38 16.83
C TRP A 574 -22.35 -21.18 16.68
N ARG A 575 -23.12 -22.20 17.02
CA ARG A 575 -24.57 -22.11 16.93
C ARG A 575 -25.10 -20.96 17.77
N MET A 576 -24.69 -20.93 19.04
CA MET A 576 -25.09 -19.87 19.95
C MET A 576 -24.74 -18.46 19.45
N ILE A 577 -23.54 -18.30 18.89
CA ILE A 577 -23.16 -17.03 18.27
C ILE A 577 -24.13 -16.68 17.12
N GLN A 578 -24.37 -17.65 16.26
CA GLN A 578 -25.35 -17.52 15.17
C GLN A 578 -26.73 -17.07 15.68
N HIS A 579 -27.25 -17.76 16.69
CA HIS A 579 -28.56 -17.40 17.26
C HIS A 579 -28.59 -15.96 17.74
N GLN A 580 -27.53 -15.54 18.43
CA GLN A 580 -27.43 -14.17 18.90
C GLN A 580 -27.48 -13.19 17.74
N LEU A 581 -26.71 -13.48 16.69
CA LEU A 581 -26.65 -12.61 15.53
C LEU A 581 -28.00 -12.55 14.83
N GLN A 582 -28.76 -13.65 14.91
CA GLN A 582 -30.11 -13.68 14.37
C GLN A 582 -31.13 -12.87 15.19
N THR A 583 -30.97 -12.86 16.51
CA THR A 583 -32.02 -12.31 17.38
C THR A 583 -31.74 -10.90 17.86
N ASN A 584 -30.50 -10.62 18.27
CA ASN A 584 -30.06 -9.25 18.53
C ASN A 584 -28.57 -9.10 18.24
N LEU A 585 -28.25 -8.66 17.03
CA LEU A 585 -26.86 -8.63 16.57
C LEU A 585 -26.05 -7.55 17.29
N SER A 586 -26.74 -6.57 17.87
CA SER A 586 -26.11 -5.41 18.48
C SER A 586 -25.27 -5.76 19.71
N VAL A 587 -25.53 -6.93 20.27
CA VAL A 587 -24.79 -7.42 21.41
C VAL A 587 -23.32 -7.77 21.06
N ILE A 588 -23.03 -7.92 19.77
CA ILE A 588 -21.69 -8.27 19.33
C ILE A 588 -21.08 -7.13 18.51
N PRO A 589 -19.89 -6.65 18.92
CA PRO A 589 -19.23 -5.55 18.24
C PRO A 589 -19.19 -5.77 16.73
N VAL A 590 -19.43 -4.71 15.95
CA VAL A 590 -19.54 -4.84 14.51
C VAL A 590 -18.30 -5.50 13.86
N ILE A 591 -17.12 -5.16 14.35
CA ILE A 591 -15.91 -5.80 13.88
C ILE A 591 -15.95 -7.31 14.10
N ASN A 592 -16.50 -7.74 15.23
CA ASN A 592 -16.56 -9.17 15.49
C ASN A 592 -17.66 -9.88 14.69
N ARG A 593 -18.71 -9.14 14.34
CA ARG A 593 -19.69 -9.65 13.40
C ARG A 593 -19.03 -9.96 12.06
N ALA A 594 -18.03 -9.15 11.69
CA ALA A 594 -17.27 -9.38 10.48
C ALA A 594 -16.30 -10.55 10.67
N GLN A 595 -15.64 -10.55 11.83
CA GLN A 595 -14.64 -11.56 12.18
C GLN A 595 -15.18 -12.99 12.07
N VAL A 596 -16.40 -13.17 12.56
CA VAL A 596 -17.06 -14.49 12.57
C VAL A 596 -17.15 -15.02 11.15
N ILE A 597 -17.36 -14.13 10.20
CA ILE A 597 -17.43 -14.47 8.79
C ILE A 597 -16.04 -14.70 8.17
N TYR A 598 -15.13 -13.76 8.39
CA TYR A 598 -13.77 -13.86 7.87
C TYR A 598 -13.11 -15.17 8.33
N ASP A 599 -13.09 -15.37 9.64
CA ASP A 599 -12.45 -16.54 10.22
C ASP A 599 -13.03 -17.87 9.74
N SER A 600 -14.36 -17.97 9.74
CA SER A 600 -15.02 -19.25 9.40
C SER A 600 -14.79 -19.69 7.96
N PHE A 601 -14.77 -18.73 7.03
CA PHE A 601 -14.45 -19.05 5.63
C PHE A 601 -12.99 -19.50 5.48
N ASN A 602 -12.08 -18.88 6.23
CA ASN A 602 -10.69 -19.33 6.24
C ASN A 602 -10.57 -20.72 6.88
N LEU A 603 -11.24 -20.91 8.01
CA LEU A 603 -11.28 -22.21 8.67
C LEU A 603 -11.84 -23.32 7.75
N ALA A 604 -12.87 -22.99 6.99
CA ALA A 604 -13.44 -23.93 6.03
C ALA A 604 -12.44 -24.29 4.92
N THR A 605 -11.71 -23.30 4.40
CA THR A 605 -10.64 -23.55 3.44
C THR A 605 -9.60 -24.53 4.00
N ALA A 606 -9.25 -24.34 5.27
CA ALA A 606 -8.22 -25.15 5.94
C ALA A 606 -8.77 -26.45 6.42
N HIS A 607 -10.05 -26.72 6.11
CA HIS A 607 -10.75 -27.95 6.50
C HIS A 607 -10.94 -28.10 8.01
N MET A 608 -11.09 -26.98 8.72
CA MET A 608 -11.23 -27.00 10.18
C MET A 608 -12.69 -26.82 10.62
N VAL A 609 -13.50 -26.24 9.76
CA VAL A 609 -14.96 -26.35 9.88
C VAL A 609 -15.55 -26.77 8.51
N PRO A 610 -16.78 -27.28 8.51
CA PRO A 610 -17.42 -27.54 7.20
C PRO A 610 -17.79 -26.23 6.50
N VAL A 611 -17.81 -26.23 5.17
CA VAL A 611 -18.08 -25.00 4.43
C VAL A 611 -19.46 -24.46 4.74
N THR A 612 -20.37 -25.35 5.14
CA THR A 612 -21.74 -24.96 5.47
C THR A 612 -21.83 -24.14 6.77
N LEU A 613 -20.88 -24.36 7.67
CA LEU A 613 -20.85 -23.59 8.92
C LEU A 613 -20.49 -22.13 8.61
N ALA A 614 -19.54 -21.95 7.71
CA ALA A 614 -19.20 -20.63 7.18
C ALA A 614 -20.39 -19.94 6.50
N LEU A 615 -21.07 -20.66 5.61
CA LEU A 615 -22.28 -20.13 4.97
C LEU A 615 -23.38 -19.80 5.99
N ASP A 616 -23.58 -20.68 6.96
CA ASP A 616 -24.48 -20.41 8.07
C ASP A 616 -24.18 -19.05 8.72
N ASN A 617 -22.89 -18.72 8.78
CA ASN A 617 -22.44 -17.50 9.43
C ASN A 617 -22.83 -16.23 8.68
N THR A 618 -23.33 -16.39 7.46
CA THR A 618 -23.83 -15.27 6.67
C THR A 618 -25.35 -15.08 6.80
N LEU A 619 -26.01 -16.02 7.46
CA LEU A 619 -27.47 -16.03 7.51
C LEU A 619 -28.03 -14.82 8.23
N PHE A 620 -27.27 -14.27 9.16
CA PHE A 620 -27.74 -13.10 9.94
C PHE A 620 -27.76 -11.81 9.14
N LEU A 621 -27.17 -11.81 7.95
CA LEU A 621 -26.92 -10.57 7.21
C LEU A 621 -28.17 -9.89 6.70
N ASN A 622 -29.26 -10.64 6.62
CA ASN A 622 -30.53 -10.05 6.21
C ASN A 622 -31.00 -8.93 7.15
N GLY A 623 -30.46 -8.90 8.37
CA GLY A 623 -30.79 -7.83 9.32
C GLY A 623 -29.64 -6.89 9.59
N GLU A 624 -28.54 -7.08 8.87
CA GLU A 624 -27.32 -6.31 9.09
C GLU A 624 -27.34 -5.04 8.26
N LYS A 625 -27.21 -3.91 8.93
CA LYS A 625 -27.20 -2.62 8.25
C LYS A 625 -25.76 -2.12 8.01
N GLU A 626 -24.81 -2.67 8.75
CA GLU A 626 -23.49 -2.05 8.82
C GLU A 626 -22.51 -2.58 7.77
N TYR A 627 -21.48 -1.78 7.52
CA TYR A 627 -20.61 -2.03 6.39
C TYR A 627 -19.83 -3.33 6.54
N MET A 628 -19.13 -3.49 7.65
CA MET A 628 -18.03 -4.44 7.72
C MET A 628 -18.41 -5.92 7.58
N PRO A 629 -19.48 -6.35 8.28
CA PRO A 629 -19.90 -7.74 8.17
C PRO A 629 -20.31 -8.07 6.74
N TRP A 630 -20.99 -7.15 6.07
CA TRP A 630 -21.36 -7.36 4.68
C TRP A 630 -20.12 -7.45 3.78
N GLN A 631 -19.11 -6.64 4.07
CA GLN A 631 -17.86 -6.70 3.32
C GLN A 631 -17.12 -8.01 3.53
N ALA A 632 -17.18 -8.53 4.75
CA ALA A 632 -16.59 -9.84 5.06
C ALA A 632 -17.21 -10.91 4.17
N ALA A 633 -18.53 -10.93 4.11
CA ALA A 633 -19.27 -11.87 3.25
C ALA A 633 -18.89 -11.73 1.77
N LEU A 634 -18.97 -10.50 1.24
CA LEU A 634 -18.67 -10.27 -0.16
C LEU A 634 -17.24 -10.66 -0.53
N SER A 635 -16.28 -10.38 0.35
CA SER A 635 -14.90 -10.78 0.11
C SER A 635 -14.72 -12.30 0.12
N SER A 636 -15.40 -12.97 1.05
CA SER A 636 -15.26 -14.41 1.20
C SER A 636 -16.00 -15.18 0.11
N LEU A 637 -17.04 -14.58 -0.45
CA LEU A 637 -17.84 -15.23 -1.49
C LEU A 637 -17.39 -14.92 -2.91
N SER A 638 -16.52 -13.92 -3.08
CA SER A 638 -16.12 -13.58 -4.43
C SER A 638 -15.50 -14.79 -5.15
N TYR A 639 -14.79 -15.64 -4.40
CA TYR A 639 -14.25 -16.89 -4.94
C TYR A 639 -15.36 -17.86 -5.36
N PHE A 640 -16.42 -17.92 -4.57
CA PHE A 640 -17.53 -18.85 -4.87
C PHE A 640 -18.19 -18.45 -6.18
N SER A 641 -18.30 -17.15 -6.38
CA SER A 641 -18.87 -16.62 -7.59
C SER A 641 -17.93 -16.87 -8.77
N LEU A 642 -16.64 -16.68 -8.53
CA LEU A 642 -15.60 -16.98 -9.51
C LEU A 642 -15.65 -18.44 -9.93
N MET A 643 -15.83 -19.33 -8.98
CA MET A 643 -15.84 -20.75 -9.29
C MET A 643 -17.16 -21.20 -9.91
N PHE A 644 -18.27 -20.58 -9.50
CA PHE A 644 -19.60 -21.16 -9.72
C PHE A 644 -20.48 -20.40 -10.72
N ASP A 645 -20.09 -19.20 -11.11
CA ASP A 645 -21.00 -18.36 -11.88
C ASP A 645 -21.30 -18.84 -13.30
N ARG A 646 -20.70 -19.97 -13.71
CA ARG A 646 -21.08 -20.62 -14.94
C ARG A 646 -21.74 -21.97 -14.71
N SER A 647 -22.20 -22.20 -13.48
CA SER A 647 -22.65 -23.51 -13.08
C SER A 647 -24.09 -23.47 -12.58
N GLU A 648 -24.69 -24.65 -12.46
CA GLU A 648 -25.98 -24.85 -11.81
C GLU A 648 -26.03 -24.25 -10.40
N VAL A 649 -24.89 -24.09 -9.77
CA VAL A 649 -24.83 -23.52 -8.42
C VAL A 649 -25.28 -22.07 -8.40
N TYR A 650 -25.18 -21.39 -9.53
CA TYR A 650 -25.25 -19.92 -9.53
C TYR A 650 -26.64 -19.40 -9.27
N GLY A 651 -27.65 -20.06 -9.82
CA GLY A 651 -29.04 -19.60 -9.64
C GLY A 651 -29.44 -19.44 -8.18
N PRO A 652 -29.28 -20.51 -7.37
CA PRO A 652 -29.56 -20.50 -5.95
C PRO A 652 -28.64 -19.54 -5.17
N MET A 653 -27.39 -19.42 -5.59
CA MET A 653 -26.50 -18.41 -5.02
C MET A 653 -27.05 -16.99 -5.18
N LYS A 654 -27.38 -16.61 -6.40
CA LYS A 654 -27.98 -15.31 -6.69
C LYS A 654 -29.23 -15.14 -5.85
N LYS A 655 -30.10 -16.15 -5.89
CA LYS A 655 -31.38 -16.08 -5.20
C LYS A 655 -31.18 -15.84 -3.71
N TYR A 656 -30.27 -16.59 -3.11
CA TYR A 656 -29.91 -16.39 -1.70
C TYR A 656 -29.42 -14.96 -1.43
N LEU A 657 -28.50 -14.49 -2.26
CA LEU A 657 -27.95 -13.15 -2.06
C LEU A 657 -29.01 -12.05 -2.22
N ARG A 658 -29.88 -12.21 -3.22
CA ARG A 658 -31.04 -11.31 -3.38
C ARG A 658 -31.90 -11.27 -2.11
N LYS A 659 -32.15 -12.44 -1.56
CA LYS A 659 -32.93 -12.55 -0.35
C LYS A 659 -32.26 -11.80 0.81
N GLN A 660 -30.94 -11.97 0.94
CA GLN A 660 -30.20 -11.38 2.05
C GLN A 660 -30.11 -9.86 1.94
N VAL A 661 -29.97 -9.37 0.72
CA VAL A 661 -29.63 -7.97 0.50
C VAL A 661 -30.86 -7.08 0.27
N GLU A 662 -32.01 -7.71 0.00
CA GLU A 662 -33.20 -6.94 -0.32
C GLU A 662 -33.59 -5.97 0.81
N PRO A 663 -33.62 -6.46 2.06
CA PRO A 663 -34.02 -5.61 3.16
C PRO A 663 -33.05 -4.44 3.39
N LEU A 664 -31.75 -4.66 3.15
CA LEU A 664 -30.78 -3.57 3.18
C LEU A 664 -31.01 -2.57 2.04
N PHE A 665 -31.26 -3.07 0.84
CA PHE A 665 -31.66 -2.21 -0.27
C PHE A 665 -32.87 -1.38 0.12
N GLN A 666 -33.84 -2.02 0.76
CA GLN A 666 -35.06 -1.33 1.18
C GLN A 666 -34.75 -0.28 2.24
N HIS A 667 -33.85 -0.63 3.15
CA HIS A 667 -33.45 0.29 4.22
C HIS A 667 -32.92 1.59 3.63
N PHE A 668 -31.96 1.47 2.70
CA PHE A 668 -31.33 2.66 2.16
C PHE A 668 -32.25 3.43 1.24
N GLU A 669 -33.20 2.72 0.61
CA GLU A 669 -34.20 3.36 -0.22
C GLU A 669 -34.98 4.40 0.58
N THR A 670 -35.37 4.03 1.81
CA THR A 670 -36.03 4.96 2.74
C THR A 670 -35.07 6.01 3.28
N LEU A 671 -33.94 5.57 3.84
CA LEU A 671 -33.00 6.44 4.51
C LEU A 671 -32.50 7.55 3.61
N THR A 672 -32.18 7.21 2.36
CA THR A 672 -31.57 8.15 1.43
C THR A 672 -32.62 9.02 0.78
N LYS A 673 -33.89 8.80 1.16
CA LYS A 673 -35.02 9.56 0.63
C LYS A 673 -35.21 9.33 -0.85
N ASN A 674 -35.29 8.05 -1.23
CA ASN A 674 -35.40 7.67 -2.65
C ASN A 674 -34.10 8.01 -3.36
N TRP A 675 -33.00 7.77 -2.67
CA TRP A 675 -31.66 7.87 -3.27
C TRP A 675 -31.22 9.31 -3.57
N THR A 676 -32.00 10.28 -3.11
CA THR A 676 -31.64 11.69 -3.28
C THR A 676 -30.45 12.15 -2.43
N GLU A 677 -30.28 11.57 -1.24
CA GLU A 677 -29.24 12.03 -0.34
C GLU A 677 -28.50 10.86 0.32
N ARG A 678 -27.17 10.94 0.30
CA ARG A 678 -26.33 9.91 0.85
C ARG A 678 -26.43 9.86 2.36
N PRO A 679 -26.18 8.70 2.97
CA PRO A 679 -25.95 8.63 4.41
C PRO A 679 -24.78 9.52 4.81
N GLU A 680 -24.74 9.93 6.09
CA GLU A 680 -23.82 10.99 6.48
C GLU A 680 -22.38 10.53 6.72
N ASN A 681 -22.21 9.47 7.49
CA ASN A 681 -20.86 8.98 7.81
C ASN A 681 -20.31 7.92 6.82
N LEU A 682 -19.02 7.70 6.88
CA LEU A 682 -18.34 6.92 5.86
C LEU A 682 -18.83 5.47 5.84
N MET A 683 -18.91 4.83 7.02
CA MET A 683 -19.25 3.44 7.10
C MET A 683 -20.59 3.15 6.45
N ASP A 684 -21.54 4.06 6.64
CA ASP A 684 -22.88 3.87 6.11
C ASP A 684 -22.94 4.14 4.63
N GLN A 685 -22.11 5.07 4.15
CA GLN A 685 -21.94 5.28 2.72
C GLN A 685 -21.36 4.04 2.04
N TYR A 686 -20.30 3.49 2.63
CA TYR A 686 -19.72 2.24 2.14
C TYR A 686 -20.77 1.13 2.10
N SER A 687 -21.58 1.04 3.15
CA SER A 687 -22.60 0.01 3.22
C SER A 687 -23.60 0.16 2.08
N GLU A 688 -24.08 1.39 1.87
CA GLU A 688 -24.96 1.68 0.74
C GLU A 688 -24.31 1.32 -0.60
N ILE A 689 -23.04 1.68 -0.78
CA ILE A 689 -22.34 1.31 -2.01
C ILE A 689 -22.35 -0.19 -2.22
N ASN A 690 -22.04 -0.97 -1.18
CA ASN A 690 -22.01 -2.42 -1.28
C ASN A 690 -23.40 -3.04 -1.48
N ALA A 691 -24.39 -2.49 -0.79
CA ALA A 691 -25.76 -3.01 -0.89
C ALA A 691 -26.29 -2.85 -2.30
N ILE A 692 -25.93 -1.73 -2.94
CA ILE A 692 -26.39 -1.47 -4.29
C ILE A 692 -25.63 -2.30 -5.30
N SER A 693 -24.31 -2.39 -5.14
CA SER A 693 -23.53 -3.33 -5.93
C SER A 693 -24.08 -4.76 -5.83
N THR A 694 -24.27 -5.22 -4.59
CA THR A 694 -24.75 -6.56 -4.36
C THR A 694 -26.16 -6.78 -4.94
N ALA A 695 -27.06 -5.86 -4.66
CA ALA A 695 -28.40 -5.95 -5.19
C ALA A 695 -28.36 -6.06 -6.71
N CYS A 696 -27.63 -5.15 -7.36
CA CYS A 696 -27.69 -5.04 -8.81
C CYS A 696 -27.00 -6.23 -9.50
N SER A 697 -25.83 -6.60 -9.02
CA SER A 697 -25.09 -7.68 -9.63
C SER A 697 -25.78 -9.05 -9.44
N ASN A 698 -26.67 -9.14 -8.46
CA ASN A 698 -27.42 -10.37 -8.24
C ASN A 698 -28.85 -10.33 -8.78
N GLY A 699 -29.20 -9.24 -9.45
CA GLY A 699 -30.43 -9.19 -10.23
C GLY A 699 -31.68 -8.88 -9.44
N LEU A 700 -31.58 -8.02 -8.43
CA LEU A 700 -32.76 -7.49 -7.76
C LEU A 700 -33.49 -6.50 -8.67
N PRO A 701 -34.73 -6.81 -9.06
CA PRO A 701 -35.41 -5.93 -10.00
C PRO A 701 -35.41 -4.46 -9.59
N GLN A 702 -35.59 -4.17 -8.31
CA GLN A 702 -35.60 -2.79 -7.83
C GLN A 702 -34.29 -2.04 -8.12
N CYS A 703 -33.17 -2.70 -7.89
CA CYS A 703 -31.86 -2.09 -8.20
C CYS A 703 -31.68 -1.91 -9.71
N GLU A 704 -32.07 -2.95 -10.46
CA GLU A 704 -31.96 -2.92 -11.92
C GLU A 704 -32.76 -1.75 -12.50
N ASN A 705 -33.95 -1.53 -11.95
CA ASN A 705 -34.77 -0.40 -12.33
C ASN A 705 -34.14 0.95 -12.03
N LEU A 706 -33.57 1.06 -10.83
CA LEU A 706 -32.89 2.30 -10.40
C LEU A 706 -31.76 2.65 -11.35
N ALA A 707 -30.95 1.66 -11.69
CA ALA A 707 -29.82 1.86 -12.59
C ALA A 707 -30.27 2.30 -13.98
N LYS A 708 -31.31 1.65 -14.53
CA LYS A 708 -31.83 2.03 -15.82
C LYS A 708 -32.38 3.47 -15.82
N THR A 709 -33.12 3.83 -14.76
CA THR A 709 -33.73 5.16 -14.67
C THR A 709 -32.67 6.25 -14.67
N LEU A 710 -31.68 6.10 -13.81
CA LEU A 710 -30.62 7.12 -13.68
C LEU A 710 -29.83 7.28 -14.96
N PHE A 711 -29.48 6.16 -15.57
CA PHE A 711 -28.67 6.17 -16.79
C PHE A 711 -29.45 6.69 -17.99
N ASP A 712 -30.72 6.34 -18.09
CA ASP A 712 -31.61 6.97 -19.07
C ASP A 712 -31.61 8.49 -18.84
N GLN A 713 -31.81 8.87 -17.59
CA GLN A 713 -31.77 10.28 -17.20
C GLN A 713 -30.48 11.00 -17.56
N TRP A 714 -29.34 10.35 -17.34
CA TRP A 714 -28.05 10.93 -17.73
C TRP A 714 -27.94 11.09 -19.24
N MET A 715 -28.49 10.13 -19.97
CA MET A 715 -28.39 10.13 -21.42
C MET A 715 -29.26 11.19 -22.06
N SER A 716 -30.39 11.52 -21.43
CA SER A 716 -31.23 12.59 -21.94
C SER A 716 -30.69 13.98 -21.56
N ASP A 717 -29.67 14.02 -20.71
CA ASP A 717 -29.07 15.29 -20.28
C ASP A 717 -27.60 15.12 -19.91
N PRO A 718 -26.73 14.98 -20.94
CA PRO A 718 -25.35 14.54 -20.78
C PRO A 718 -24.49 15.42 -19.87
N GLU A 719 -24.78 16.71 -19.83
CA GLU A 719 -23.93 17.67 -19.13
C GLU A 719 -24.17 17.68 -17.62
N ASN A 720 -25.31 17.15 -17.21
CA ASN A 720 -25.67 17.11 -15.79
C ASN A 720 -25.83 15.68 -15.31
N ASN A 721 -24.74 15.07 -14.90
CA ASN A 721 -24.75 13.68 -14.46
C ASN A 721 -25.54 13.53 -13.17
N PRO A 722 -26.65 12.78 -13.21
CA PRO A 722 -27.50 12.65 -12.04
C PRO A 722 -27.02 11.63 -11.03
N ILE A 723 -25.92 10.94 -11.33
CA ILE A 723 -25.52 9.77 -10.54
C ILE A 723 -24.42 10.15 -9.56
N HIS A 724 -24.68 10.01 -8.27
CA HIS A 724 -23.68 10.36 -7.29
C HIS A 724 -22.42 9.52 -7.47
N PRO A 725 -21.23 10.15 -7.33
CA PRO A 725 -19.97 9.45 -7.57
C PRO A 725 -19.82 8.14 -6.80
N ASN A 726 -20.46 8.02 -5.64
CA ASN A 726 -20.41 6.80 -4.84
C ASN A 726 -21.02 5.62 -5.60
N LEU A 727 -22.04 5.90 -6.39
CA LEU A 727 -22.87 4.86 -7.00
C LEU A 727 -22.49 4.60 -8.47
N ARG A 728 -21.53 5.36 -8.97
CA ARG A 728 -21.29 5.40 -10.42
C ARG A 728 -20.90 4.06 -11.03
N SER A 729 -19.95 3.36 -10.40
CA SER A 729 -19.43 2.11 -10.96
C SER A 729 -20.51 1.02 -11.08
N THR A 730 -21.39 0.91 -10.08
CA THR A 730 -22.51 -0.01 -10.12
C THR A 730 -23.54 0.42 -11.16
N ILE A 731 -24.00 1.66 -11.05
CA ILE A 731 -25.11 2.11 -11.91
C ILE A 731 -24.74 2.11 -13.39
N TYR A 732 -23.52 2.58 -13.69
CA TYR A 732 -22.98 2.49 -15.05
C TYR A 732 -22.99 1.03 -15.52
N CYS A 733 -22.43 0.16 -14.71
CA CYS A 733 -22.20 -1.22 -15.12
C CYS A 733 -23.56 -1.91 -15.38
N ASN A 734 -24.44 -1.87 -14.38
CA ASN A 734 -25.74 -2.46 -14.52
C ASN A 734 -26.55 -1.89 -15.69
N ALA A 735 -26.46 -0.59 -15.93
CA ALA A 735 -27.24 0.03 -16.98
C ALA A 735 -26.71 -0.37 -18.37
N ILE A 736 -25.40 -0.52 -18.51
CA ILE A 736 -24.83 -0.99 -19.77
C ILE A 736 -25.16 -2.48 -19.99
N ALA A 737 -25.17 -3.25 -18.90
CA ALA A 737 -25.59 -4.65 -18.95
C ALA A 737 -27.00 -4.82 -19.52
N GLN A 738 -27.94 -4.02 -19.02
CA GLN A 738 -29.32 -4.07 -19.49
C GLN A 738 -29.51 -3.54 -20.90
N GLY A 739 -28.63 -2.67 -21.34
CA GLY A 739 -28.83 -1.92 -22.56
C GLY A 739 -28.04 -2.48 -23.72
N GLY A 740 -28.10 -1.81 -24.86
CA GLY A 740 -27.40 -2.26 -26.05
C GLY A 740 -26.37 -1.26 -26.49
N GLN A 741 -26.29 -1.03 -27.79
CA GLN A 741 -25.30 -0.14 -28.37
C GLN A 741 -25.58 1.35 -28.11
N ASP A 742 -26.85 1.69 -27.85
CA ASP A 742 -27.21 3.03 -27.43
C ASP A 742 -26.46 3.42 -26.15
N GLN A 743 -26.61 2.63 -25.10
CA GLN A 743 -25.96 2.89 -23.82
C GLN A 743 -24.45 2.78 -23.95
N TRP A 744 -23.99 1.78 -24.70
CA TRP A 744 -22.57 1.51 -24.82
C TRP A 744 -21.86 2.67 -25.53
N ASP A 745 -22.41 3.08 -26.66
CA ASP A 745 -21.82 4.15 -27.46
C ASP A 745 -21.81 5.50 -26.73
N PHE A 746 -22.84 5.76 -25.94
CA PHE A 746 -22.91 6.96 -25.12
C PHE A 746 -21.79 6.99 -24.09
N ALA A 747 -21.68 5.91 -23.33
CA ALA A 747 -20.62 5.76 -22.33
C ALA A 747 -19.23 5.78 -22.98
N TRP A 748 -19.14 5.27 -24.20
CA TRP A 748 -17.88 5.32 -24.92
C TRP A 748 -17.50 6.78 -25.21
N GLY A 749 -18.46 7.56 -25.72
CA GLY A 749 -18.26 8.99 -25.93
C GLY A 749 -17.80 9.70 -24.65
N GLN A 750 -18.47 9.42 -23.53
CA GLN A 750 -18.11 10.00 -22.27
C GLN A 750 -16.70 9.63 -21.83
N LEU A 751 -16.30 8.38 -22.08
CA LEU A 751 -14.93 7.97 -21.79
C LEU A 751 -13.91 8.75 -22.61
N GLN A 752 -14.19 8.98 -23.89
CA GLN A 752 -13.24 9.66 -24.77
C GLN A 752 -13.02 11.12 -24.38
N GLN A 753 -13.89 11.67 -23.53
CA GLN A 753 -13.82 13.07 -23.17
C GLN A 753 -13.78 13.29 -21.66
N ALA A 754 -13.66 12.21 -20.90
CA ALA A 754 -13.37 12.30 -19.47
C ALA A 754 -12.05 13.03 -19.29
N GLN A 755 -12.07 14.08 -18.47
CA GLN A 755 -10.84 14.78 -18.12
C GLN A 755 -10.23 14.18 -16.87
N LEU A 756 -11.02 13.38 -16.14
CA LEU A 756 -10.60 12.91 -14.82
C LEU A 756 -10.35 11.41 -14.84
N VAL A 757 -9.18 11.00 -14.36
CA VAL A 757 -8.77 9.60 -14.40
C VAL A 757 -9.80 8.68 -13.73
N ASN A 758 -10.27 9.05 -12.55
CA ASN A 758 -11.15 8.17 -11.77
C ASN A 758 -12.49 7.93 -12.47
N GLU A 759 -12.96 8.93 -13.22
CA GLU A 759 -14.21 8.80 -13.95
C GLU A 759 -13.97 8.00 -15.25
N ALA A 760 -12.82 8.22 -15.87
CA ALA A 760 -12.40 7.37 -16.99
C ALA A 760 -12.31 5.89 -16.59
N ASP A 761 -11.71 5.61 -15.43
CA ASP A 761 -11.64 4.26 -14.90
C ASP A 761 -13.01 3.58 -14.76
N LYS A 762 -13.94 4.26 -14.12
CA LYS A 762 -15.30 3.76 -13.96
C LYS A 762 -15.99 3.42 -15.28
N LEU A 763 -15.84 4.31 -16.26
CA LEU A 763 -16.45 4.11 -17.56
C LEU A 763 -15.82 2.93 -18.29
N ARG A 764 -14.50 2.87 -18.28
CA ARG A 764 -13.76 1.77 -18.91
C ARG A 764 -14.23 0.45 -18.33
N SER A 765 -14.44 0.41 -17.02
CA SER A 765 -14.83 -0.80 -16.35
C SER A 765 -16.30 -1.13 -16.59
N ALA A 766 -17.16 -0.11 -16.61
CA ALA A 766 -18.59 -0.33 -16.90
C ALA A 766 -18.82 -0.86 -18.30
N LEU A 767 -18.03 -0.41 -19.26
CA LEU A 767 -18.22 -0.79 -20.65
C LEU A 767 -18.06 -2.30 -20.84
N ALA A 768 -17.31 -2.93 -19.96
CA ALA A 768 -17.09 -4.38 -19.99
C ALA A 768 -18.28 -5.21 -19.46
N CYS A 769 -19.33 -4.53 -19.01
CA CYS A 769 -20.48 -5.18 -18.39
C CYS A 769 -21.60 -5.46 -19.40
N SER A 770 -21.37 -5.09 -20.66
CA SER A 770 -22.34 -5.36 -21.71
C SER A 770 -22.57 -6.87 -21.82
N ASN A 771 -23.82 -7.26 -22.09
CA ASN A 771 -24.11 -8.67 -22.32
C ASN A 771 -24.22 -9.03 -23.81
N GLU A 772 -23.76 -8.14 -24.68
CA GLU A 772 -23.66 -8.45 -26.09
C GLU A 772 -22.24 -8.90 -26.45
N VAL A 773 -22.12 -10.11 -26.98
CA VAL A 773 -20.85 -10.66 -27.42
C VAL A 773 -20.17 -9.70 -28.39
N TRP A 774 -20.94 -9.21 -29.36
CA TRP A 774 -20.38 -8.39 -30.42
C TRP A 774 -19.81 -7.05 -29.90
N LEU A 775 -20.46 -6.49 -28.88
CA LEU A 775 -19.93 -5.29 -28.23
C LEU A 775 -18.62 -5.57 -27.48
N LEU A 776 -18.60 -6.66 -26.72
CA LEU A 776 -17.39 -7.06 -25.99
C LEU A 776 -16.19 -7.36 -26.91
N ASN A 777 -16.45 -8.04 -28.03
CA ASN A 777 -15.42 -8.30 -29.02
C ASN A 777 -14.90 -7.03 -29.70
N ARG A 778 -15.82 -6.17 -30.15
CA ARG A 778 -15.47 -4.86 -30.65
C ARG A 778 -14.64 -4.08 -29.62
N TYR A 779 -15.09 -4.11 -28.38
CA TYR A 779 -14.36 -3.49 -27.27
C TYR A 779 -12.94 -4.04 -27.12
N LEU A 780 -12.80 -5.36 -27.13
CA LEU A 780 -11.49 -6.00 -27.11
C LEU A 780 -10.64 -5.50 -28.28
N GLY A 781 -11.24 -5.39 -29.45
CA GLY A 781 -10.55 -4.82 -30.61
C GLY A 781 -9.91 -3.46 -30.35
N TYR A 782 -10.48 -2.70 -29.43
CA TYR A 782 -10.00 -1.35 -29.16
C TYR A 782 -8.79 -1.35 -28.23
N THR A 783 -8.68 -2.39 -27.39
CA THR A 783 -7.81 -2.32 -26.23
C THR A 783 -6.34 -2.18 -26.59
N LEU A 784 -5.99 -2.56 -27.81
CA LEU A 784 -4.62 -2.52 -28.28
C LEU A 784 -4.38 -1.30 -29.18
N ASN A 785 -5.44 -0.52 -29.38
CA ASN A 785 -5.36 0.77 -30.07
C ASN A 785 -5.07 1.90 -29.08
N PRO A 786 -3.83 2.45 -29.12
CA PRO A 786 -3.36 3.43 -28.17
C PRO A 786 -4.06 4.77 -28.34
N ASP A 787 -4.58 4.99 -29.55
CA ASP A 787 -5.47 6.12 -29.83
C ASP A 787 -6.79 6.03 -29.06
N LEU A 788 -7.34 4.82 -28.91
CA LEU A 788 -8.63 4.64 -28.23
C LEU A 788 -8.46 4.25 -26.75
N ILE A 789 -7.43 3.47 -26.45
CA ILE A 789 -7.20 3.02 -25.08
C ILE A 789 -5.70 3.15 -24.71
N ARG A 790 -5.42 3.91 -23.65
CA ARG A 790 -4.03 4.05 -23.17
C ARG A 790 -3.41 2.66 -22.96
N LYS A 791 -2.13 2.52 -23.32
CA LYS A 791 -1.43 1.23 -23.16
C LYS A 791 -1.42 0.76 -21.74
N GLN A 792 -1.13 1.66 -20.80
CA GLN A 792 -1.11 1.32 -19.38
C GLN A 792 -2.49 0.87 -18.91
N ASP A 793 -3.48 0.98 -19.79
CA ASP A 793 -4.86 0.59 -19.44
C ASP A 793 -5.34 -0.64 -20.19
N ALA A 794 -4.48 -1.17 -21.07
CA ALA A 794 -4.91 -2.16 -22.04
C ALA A 794 -5.25 -3.48 -21.36
N THR A 795 -4.40 -3.92 -20.44
CA THR A 795 -4.57 -5.22 -19.83
C THR A 795 -5.64 -5.19 -18.74
N SER A 796 -5.69 -4.08 -18.00
CA SER A 796 -6.81 -3.77 -17.10
C SER A 796 -8.15 -3.98 -17.81
N THR A 797 -8.29 -3.41 -18.99
CA THR A 797 -9.55 -3.46 -19.73
C THR A 797 -9.86 -4.87 -20.20
N ILE A 798 -8.85 -5.60 -20.66
CA ILE A 798 -9.04 -6.99 -21.03
C ILE A 798 -9.46 -7.85 -19.83
N ASN A 799 -8.88 -7.56 -18.67
CA ASN A 799 -9.28 -8.25 -17.44
C ASN A 799 -10.71 -7.98 -17.04
N SER A 800 -11.16 -6.76 -17.27
CA SER A 800 -12.53 -6.39 -16.96
C SER A 800 -13.53 -7.14 -17.85
N ILE A 801 -13.17 -7.32 -19.10
CA ILE A 801 -13.99 -8.07 -20.04
C ILE A 801 -14.01 -9.56 -19.65
N ALA A 802 -12.85 -10.08 -19.28
CA ALA A 802 -12.74 -11.44 -18.76
C ALA A 802 -13.61 -11.64 -17.54
N SER A 803 -13.72 -10.59 -16.72
CA SER A 803 -14.55 -10.64 -15.51
C SER A 803 -16.01 -10.86 -15.82
N ASN A 804 -16.44 -10.38 -16.98
CA ASN A 804 -17.78 -10.64 -17.47
C ASN A 804 -17.91 -12.10 -17.90
N VAL A 805 -18.87 -12.81 -17.30
CA VAL A 805 -19.04 -14.24 -17.58
C VAL A 805 -19.18 -14.49 -19.10
N ILE A 806 -19.86 -13.59 -19.78
CA ILE A 806 -19.96 -13.67 -21.24
C ILE A 806 -18.65 -13.26 -21.94
N GLY A 807 -17.88 -12.40 -21.27
CA GLY A 807 -16.59 -11.96 -21.79
C GLY A 807 -15.43 -12.92 -21.54
N GLN A 808 -15.63 -13.88 -20.64
CA GLN A 808 -14.60 -14.85 -20.30
C GLN A 808 -13.99 -15.55 -21.50
N PRO A 809 -14.81 -16.28 -22.31
CA PRO A 809 -14.23 -16.98 -23.45
C PRO A 809 -13.69 -16.02 -24.51
N LEU A 810 -14.31 -14.85 -24.62
CA LEU A 810 -13.86 -13.84 -25.57
C LEU A 810 -12.46 -13.31 -25.22
N ALA A 811 -12.24 -12.98 -23.95
CA ALA A 811 -10.93 -12.48 -23.51
C ALA A 811 -9.86 -13.56 -23.63
N TRP A 812 -10.19 -14.76 -23.19
CA TRP A 812 -9.28 -15.90 -23.26
C TRP A 812 -8.88 -16.20 -24.70
N ASP A 813 -9.86 -16.28 -25.60
CA ASP A 813 -9.59 -16.40 -27.04
C ASP A 813 -8.69 -15.27 -27.54
N PHE A 814 -8.92 -14.06 -27.04
CA PHE A 814 -8.23 -12.86 -27.52
C PHE A 814 -6.75 -12.87 -27.07
N VAL A 815 -6.53 -13.24 -25.82
CA VAL A 815 -5.19 -13.31 -25.26
C VAL A 815 -4.35 -14.39 -25.95
N GLN A 816 -4.89 -15.61 -26.04
CA GLN A 816 -4.28 -16.68 -26.85
C GLN A 816 -3.91 -16.21 -28.26
N SER A 817 -4.83 -15.54 -28.94
CA SER A 817 -4.71 -15.24 -30.34
C SER A 817 -3.65 -14.15 -30.61
N ASN A 818 -3.60 -13.16 -29.73
CA ASN A 818 -2.70 -12.03 -29.90
C ASN A 818 -1.53 -12.09 -28.94
N TRP A 819 -1.18 -13.31 -28.54
CA TRP A 819 -0.10 -13.51 -27.57
C TRP A 819 1.21 -13.04 -28.16
N LYS A 820 1.45 -13.43 -29.41
CA LYS A 820 2.46 -12.78 -30.26
C LYS A 820 2.24 -11.26 -30.33
N LYS A 821 2.23 -10.63 -29.17
CA LYS A 821 2.34 -9.18 -29.02
C LYS A 821 3.07 -8.92 -27.70
N LEU A 822 3.67 -9.99 -27.16
CA LEU A 822 4.80 -9.85 -26.26
C LEU A 822 5.96 -9.18 -27.01
N PHE A 823 6.13 -9.56 -28.28
CA PHE A 823 7.14 -8.96 -29.17
C PHE A 823 6.70 -7.63 -29.83
N GLN A 824 5.71 -6.98 -29.24
CA GLN A 824 5.39 -5.58 -29.55
C GLN A 824 5.24 -4.77 -28.28
N ASP A 825 5.36 -5.43 -27.12
CA ASP A 825 5.02 -4.79 -25.86
C ASP A 825 5.61 -5.37 -24.60
N TYR A 826 6.61 -6.26 -24.71
CA TYR A 826 7.60 -6.38 -23.63
C TYR A 826 8.82 -5.51 -23.92
N GLY A 827 8.79 -4.84 -25.09
CA GLY A 827 9.69 -3.72 -25.39
C GLY A 827 9.00 -2.37 -25.47
N GLY A 828 7.66 -2.38 -25.65
CA GLY A 828 6.89 -1.14 -25.80
C GLY A 828 6.21 -0.67 -24.53
N GLY A 829 6.98 -0.59 -23.44
CA GLY A 829 6.43 -0.44 -22.09
C GLY A 829 6.07 -1.79 -21.51
N SER A 830 6.26 -1.94 -20.19
CA SER A 830 6.21 -3.26 -19.53
C SER A 830 5.03 -4.11 -19.97
N PHE A 831 3.82 -3.62 -19.74
CA PHE A 831 2.57 -4.30 -20.12
C PHE A 831 1.93 -5.07 -18.97
N SER A 832 2.70 -5.98 -18.36
CA SER A 832 2.20 -6.85 -17.26
C SER A 832 1.40 -8.04 -17.80
N PHE A 833 2.05 -8.82 -18.65
CA PHE A 833 1.61 -10.16 -18.99
C PHE A 833 1.24 -10.95 -17.72
N SER A 834 1.83 -10.59 -16.58
CA SER A 834 1.59 -11.33 -15.37
C SER A 834 0.17 -11.13 -14.87
N ASN A 835 -0.27 -9.87 -14.80
CA ASN A 835 -1.60 -9.54 -14.31
C ASN A 835 -2.68 -9.97 -15.31
N LEU A 836 -2.36 -9.92 -16.59
CA LEU A 836 -3.25 -10.32 -17.64
C LEU A 836 -3.51 -11.83 -17.62
N ILE A 837 -2.47 -12.62 -17.34
CA ILE A 837 -2.62 -14.06 -17.22
C ILE A 837 -3.46 -14.46 -16.03
N GLN A 838 -3.22 -13.85 -14.88
CA GLN A 838 -3.96 -14.15 -13.67
C GLN A 838 -5.43 -13.80 -13.86
N GLY A 839 -5.67 -12.69 -14.55
CA GLY A 839 -7.01 -12.15 -14.72
C GLY A 839 -7.86 -13.03 -15.59
N VAL A 840 -7.30 -13.43 -16.74
CA VAL A 840 -8.03 -14.22 -17.71
C VAL A 840 -8.18 -15.72 -17.35
N THR A 841 -7.29 -16.23 -16.50
CA THR A 841 -7.31 -17.64 -16.11
C THR A 841 -7.91 -17.87 -14.73
N ARG A 842 -8.21 -16.77 -14.05
CA ARG A 842 -8.71 -16.80 -12.68
C ARG A 842 -9.87 -17.80 -12.50
N ARG A 843 -10.75 -17.89 -13.48
CA ARG A 843 -11.97 -18.70 -13.36
C ARG A 843 -11.74 -20.22 -13.51
N PHE A 844 -10.62 -20.60 -14.14
CA PHE A 844 -10.45 -21.96 -14.62
C PHE A 844 -10.57 -22.96 -13.47
N SER A 845 -11.40 -23.97 -13.64
CA SER A 845 -11.67 -24.86 -12.52
C SER A 845 -12.05 -26.25 -12.95
N SER A 846 -11.71 -26.60 -14.19
CA SER A 846 -11.96 -27.94 -14.68
C SER A 846 -10.76 -28.53 -15.39
N GLU A 847 -10.74 -29.87 -15.44
CA GLU A 847 -9.73 -30.61 -16.22
C GLU A 847 -9.63 -30.03 -17.64
N PHE A 848 -10.79 -29.84 -18.28
CA PHE A 848 -10.83 -29.33 -19.64
C PHE A 848 -10.14 -27.97 -19.79
N GLU A 849 -10.35 -27.06 -18.83
CA GLU A 849 -9.73 -25.75 -18.89
C GLU A 849 -8.24 -25.85 -18.60
N LEU A 850 -7.87 -26.77 -17.73
CA LEU A 850 -6.45 -27.07 -17.48
C LEU A 850 -5.77 -27.63 -18.72
N GLN A 851 -6.44 -28.52 -19.43
CA GLN A 851 -5.93 -29.05 -20.70
C GLN A 851 -5.70 -27.92 -21.71
N GLN A 852 -6.48 -26.85 -21.59
CA GLN A 852 -6.38 -25.70 -22.49
C GLN A 852 -5.22 -24.80 -22.13
N LEU A 853 -5.04 -24.53 -20.84
CA LEU A 853 -3.91 -23.76 -20.36
C LEU A 853 -2.61 -24.48 -20.70
N GLU A 854 -2.61 -25.81 -20.55
CA GLU A 854 -1.46 -26.65 -20.94
C GLU A 854 -1.17 -26.54 -22.43
N GLN A 855 -2.21 -26.64 -23.25
CA GLN A 855 -2.09 -26.52 -24.70
C GLN A 855 -1.59 -25.14 -25.13
N PHE A 856 -1.99 -24.11 -24.41
CA PHE A 856 -1.54 -22.74 -24.70
C PHE A 856 -0.07 -22.55 -24.35
N LYS A 857 0.37 -23.21 -23.27
CA LYS A 857 1.79 -23.18 -22.86
C LYS A 857 2.69 -23.68 -23.99
N LYS A 858 2.22 -24.70 -24.69
CA LYS A 858 2.98 -25.35 -25.76
C LYS A 858 3.20 -24.44 -27.00
N ASN A 859 3.08 -23.13 -26.84
CA ASN A 859 3.89 -22.19 -27.60
C ASN A 859 5.09 -21.67 -26.79
N ASN A 860 5.78 -22.61 -26.13
CA ASN A 860 7.06 -22.33 -25.48
C ASN A 860 8.11 -22.10 -26.55
N MET A 861 7.94 -22.81 -27.67
CA MET A 861 8.87 -22.81 -28.80
C MET A 861 8.94 -21.43 -29.46
N ASP A 862 9.07 -20.40 -28.63
CA ASP A 862 9.45 -19.05 -29.05
C ASP A 862 8.59 -18.02 -28.35
N VAL A 863 9.02 -16.75 -28.44
CA VAL A 863 8.35 -15.60 -27.81
C VAL A 863 8.19 -15.70 -26.30
N GLY A 864 8.12 -16.93 -25.75
CA GLY A 864 8.05 -17.13 -24.29
C GLY A 864 6.91 -16.37 -23.65
N PHE A 865 7.12 -15.85 -22.44
CA PHE A 865 6.05 -15.23 -21.66
C PHE A 865 6.45 -13.95 -20.92
N GLY A 866 7.71 -13.52 -21.09
CA GLY A 866 8.15 -12.24 -20.52
C GLY A 866 8.09 -12.18 -19.00
N SER A 867 7.48 -11.12 -18.47
CA SER A 867 7.35 -10.94 -17.02
C SER A 867 6.18 -11.79 -16.45
N GLY A 868 5.50 -12.53 -17.32
CA GLY A 868 4.40 -13.38 -16.90
C GLY A 868 4.77 -14.86 -16.97
N THR A 869 6.03 -15.15 -17.24
CA THR A 869 6.53 -16.50 -17.34
C THR A 869 6.26 -17.35 -16.10
N ARG A 870 6.36 -16.74 -14.95
CA ARG A 870 6.11 -17.44 -13.72
C ARG A 870 4.66 -17.35 -13.34
N ALA A 871 3.97 -16.31 -13.82
CA ALA A 871 2.56 -16.18 -13.59
C ALA A 871 1.81 -17.28 -14.27
N LEU A 872 2.32 -17.72 -15.40
CA LEU A 872 1.75 -18.84 -16.12
C LEU A 872 1.79 -20.15 -15.31
N GLU A 873 2.91 -20.44 -14.66
CA GLU A 873 2.99 -21.66 -13.85
C GLU A 873 2.09 -21.53 -12.62
N GLN A 874 2.00 -20.33 -12.08
CA GLN A 874 1.05 -20.02 -11.00
C GLN A 874 -0.40 -20.27 -11.43
N ALA A 875 -0.70 -20.04 -12.71
CA ALA A 875 -2.04 -20.27 -13.23
C ALA A 875 -2.34 -21.74 -13.37
N LEU A 876 -1.34 -22.51 -13.77
CA LEU A 876 -1.48 -23.96 -13.88
C LEU A 876 -1.60 -24.62 -12.52
N GLU A 877 -0.92 -24.05 -11.52
CA GLU A 877 -1.02 -24.56 -10.16
C GLU A 877 -2.34 -24.17 -9.49
N LYS A 878 -2.80 -22.94 -9.75
CA LYS A 878 -4.05 -22.48 -9.19
C LYS A 878 -5.28 -23.18 -9.80
N THR A 879 -5.21 -23.46 -11.10
CA THR A 879 -6.23 -24.27 -11.76
C THR A 879 -6.39 -25.68 -11.15
N LYS A 880 -5.26 -26.36 -10.91
CA LYS A 880 -5.25 -27.61 -10.15
C LYS A 880 -5.95 -27.47 -8.80
N ALA A 881 -5.58 -26.43 -8.04
CA ALA A 881 -6.23 -26.19 -6.76
C ALA A 881 -7.75 -25.96 -6.90
N ASN A 882 -8.15 -25.22 -7.92
CA ASN A 882 -9.57 -24.94 -8.17
C ASN A 882 -10.36 -26.20 -8.52
N ILE A 883 -9.81 -27.02 -9.42
CA ILE A 883 -10.42 -28.29 -9.78
C ILE A 883 -10.70 -29.13 -8.54
N LYS A 884 -9.74 -29.14 -7.61
CA LYS A 884 -9.86 -29.93 -6.39
C LYS A 884 -10.89 -29.34 -5.45
N TRP A 885 -10.89 -28.01 -5.34
CA TRP A 885 -11.85 -27.31 -4.47
C TRP A 885 -13.28 -27.43 -4.98
N VAL A 886 -13.45 -27.35 -6.31
CA VAL A 886 -14.78 -27.48 -6.91
C VAL A 886 -15.37 -28.88 -6.76
N LYS A 887 -14.52 -29.91 -6.84
CA LYS A 887 -15.00 -31.29 -6.68
C LYS A 887 -15.42 -31.57 -5.24
N GLU A 888 -14.65 -31.04 -4.28
CA GLU A 888 -14.92 -31.24 -2.87
C GLU A 888 -16.19 -30.50 -2.44
N ASN A 889 -16.47 -29.37 -3.09
CA ASN A 889 -17.40 -28.39 -2.56
C ASN A 889 -18.71 -28.20 -3.33
N LYS A 890 -18.68 -28.48 -4.62
CA LYS A 890 -19.85 -28.27 -5.48
C LYS A 890 -21.16 -28.78 -4.87
N GLU A 891 -21.20 -30.04 -4.47
CA GLU A 891 -22.42 -30.66 -3.98
C GLU A 891 -22.97 -30.01 -2.71
N VAL A 892 -22.12 -29.91 -1.69
CA VAL A 892 -22.50 -29.28 -0.41
C VAL A 892 -22.98 -27.83 -0.59
N VAL A 893 -22.29 -27.08 -1.44
CA VAL A 893 -22.61 -25.67 -1.62
C VAL A 893 -23.91 -25.44 -2.38
N LEU A 894 -24.13 -26.18 -3.46
CA LEU A 894 -25.40 -26.15 -4.17
C LEU A 894 -26.59 -26.39 -3.26
N ASN A 895 -26.51 -27.45 -2.47
CA ASN A 895 -27.62 -27.84 -1.60
C ASN A 895 -27.85 -26.85 -0.47
N TRP A 896 -26.78 -26.23 0.03
CA TRP A 896 -26.92 -25.17 1.02
C TRP A 896 -27.67 -23.96 0.44
N PHE A 897 -27.24 -23.49 -0.72
CA PHE A 897 -27.87 -22.35 -1.36
C PHE A 897 -29.31 -22.64 -1.73
N ILE A 898 -29.55 -23.81 -2.34
CA ILE A 898 -30.92 -24.26 -2.59
C ILE A 898 -31.72 -24.19 -1.31
N GLU A 899 -31.22 -24.83 -0.25
CA GLU A 899 -31.94 -24.86 1.03
C GLU A 899 -32.28 -23.47 1.55
N HIS A 900 -31.35 -22.52 1.37
CA HIS A 900 -31.46 -21.24 2.08
C HIS A 900 -31.96 -20.07 1.25
N SER A 901 -32.34 -20.32 0.00
CA SER A 901 -32.81 -19.23 -0.87
C SER A 901 -34.31 -19.09 -0.88
N SER A 902 -34.98 -19.72 0.10
CA SER A 902 -36.44 -19.67 0.24
C SER A 902 -37.14 -20.45 -0.87
C1 NAG B . 28.86 25.33 1.00
C2 NAG B . 30.29 25.83 1.10
C3 NAG B . 30.34 27.04 2.04
C4 NAG B . 29.39 28.12 1.57
C5 NAG B . 27.99 27.52 1.45
C6 NAG B . 26.99 28.53 0.88
C7 NAG B . 32.30 24.50 1.18
C8 NAG B . 33.04 23.41 1.89
N2 NAG B . 31.11 24.79 1.66
O3 NAG B . 31.65 27.52 2.15
O4 NAG B . 29.38 29.12 2.57
O5 NAG B . 28.04 26.41 0.57
O6 NAG B . 27.47 28.97 -0.42
O7 NAG B . 32.83 25.07 0.23
C1 NAG B . 29.36 30.46 2.06
C2 NAG B . 29.03 31.40 3.18
C3 NAG B . 29.37 32.88 3.02
C4 NAG B . 30.27 33.26 1.87
C5 NAG B . 30.44 32.11 0.85
C6 NAG B . 31.66 32.31 -0.04
C7 NAG B . 27.33 30.83 4.80
C8 NAG B . 28.46 30.58 5.70
N2 NAG B . 27.64 31.25 3.57
O3 NAG B . 30.01 33.33 4.22
O4 NAG B . 29.62 34.36 1.23
O5 NAG B . 30.62 30.87 1.55
O6 NAG B . 32.58 31.22 0.22
O7 NAG B . 26.16 30.68 5.15
C1 NAG B . 30.46 35.55 1.16
C2 NAG B . 30.55 36.25 2.54
C3 NAG B . 31.93 36.77 2.94
C4 NAG B . 33.01 36.78 1.84
C5 NAG B . 32.51 36.47 0.44
C6 NAG B . 33.67 36.22 -0.52
C7 NAG B . 28.56 37.30 3.60
C8 NAG B . 27.57 38.47 3.53
N2 NAG B . 29.51 37.28 2.65
O3 NAG B . 32.40 35.98 4.04
O4 NAG B . 33.69 38.08 1.83
O5 NAG B . 31.74 35.29 0.55
O6 NAG B . 33.69 37.29 -1.50
O7 NAG B . 28.47 36.43 4.51
C1 NAG C . 28.11 9.42 -19.76
C2 NAG C . 27.11 10.11 -20.68
C3 NAG C . 26.64 9.14 -21.77
C4 NAG C . 27.80 8.45 -22.47
C5 NAG C . 28.81 7.92 -21.45
C6 NAG C . 30.08 7.37 -22.06
C7 NAG C . 25.64 11.80 -19.66
C8 NAG C . 24.30 12.03 -19.00
N2 NAG C . 25.92 10.54 -19.97
O3 NAG C . 25.80 9.85 -22.68
O4 NAG C . 27.28 7.33 -23.20
O5 NAG C . 29.19 8.99 -20.58
O6 NAG C . 30.81 8.46 -22.63
O7 NAG C . 26.41 12.73 -19.83
C1 NAG C . 27.49 7.50 -24.62
C2 NAG C . 27.59 6.12 -25.27
C3 NAG C . 27.47 6.14 -26.81
C4 NAG C . 26.97 7.42 -27.49
C5 NAG C . 26.81 8.62 -26.55
C6 NAG C . 25.80 9.65 -27.06
C7 NAG C . 28.91 4.46 -24.03
C8 NAG C . 30.28 3.94 -23.77
N2 NAG C . 28.86 5.49 -24.88
O3 NAG C . 26.63 5.04 -27.19
O4 NAG C . 27.96 7.76 -28.50
O5 NAG C . 26.41 8.17 -25.25
O6 NAG C . 24.53 9.51 -26.39
O7 NAG C . 27.88 3.97 -23.48
C1 NAG C . 27.43 7.89 -29.86
C2 NAG C . 27.00 6.58 -30.55
C3 NAG C . 26.60 6.85 -32.00
C4 NAG C . 25.85 8.18 -32.25
C5 NAG C . 26.37 9.33 -31.40
C6 NAG C . 25.42 10.54 -31.47
C7 NAG C . 28.18 4.35 -30.59
C8 NAG C . 29.51 3.67 -30.57
N2 NAG C . 28.19 5.71 -30.52
O3 NAG C . 25.78 5.77 -32.48
O4 NAG C . 25.99 8.50 -33.64
O5 NAG C . 26.41 8.90 -30.04
O6 NAG C . 25.37 11.19 -30.18
O7 NAG C . 27.13 3.66 -30.70
C1 NAG D . 26.01 24.01 5.03
C2 NAG D . 27.49 23.79 5.34
C3 NAG D . 27.74 23.94 6.84
C4 NAG D . 27.19 25.25 7.35
C5 NAG D . 25.71 25.38 6.91
C6 NAG D . 24.97 26.62 7.45
C7 NAG D . 29.01 22.48 4.07
C8 NAG D . 29.43 21.11 3.56
N2 NAG D . 27.95 22.53 4.84
O3 NAG D . 29.13 23.86 7.06
O4 NAG D . 27.25 25.21 8.77
O5 NAG D . 25.63 25.28 5.53
O6 NAG D . 25.47 27.78 6.83
O7 NAG D . 29.65 23.50 3.76
C1 NAG D . 28.35 26.02 9.21
C2 NAG D . 28.12 26.54 10.60
C3 NAG D . 29.35 27.30 11.12
C4 NAG D . 30.62 26.53 10.83
C5 NAG D . 30.67 26.12 9.38
C6 NAG D . 31.94 25.35 9.03
C7 NAG D . 25.82 27.01 11.19
C8 NAG D . 24.65 27.98 11.14
N2 NAG D . 26.94 27.41 10.64
O3 NAG D . 29.23 27.46 12.54
O4 NAG D . 31.75 27.38 11.08
O5 NAG D . 29.53 25.26 9.22
O6 NAG D . 31.89 24.12 9.81
O7 NAG D . 25.72 25.89 11.73
C1 NAG E . 8.55 29.49 -19.12
C2 NAG E . 7.06 29.37 -19.45
C3 NAG E . 6.88 28.37 -20.59
C4 NAG E . 7.76 28.69 -21.78
C5 NAG E . 9.21 28.98 -21.35
C6 NAG E . 10.02 29.58 -22.52
C7 NAG E . 5.74 29.70 -17.38
C8 NAG E . 5.15 29.01 -16.18
N2 NAG E . 6.34 28.92 -18.26
O3 NAG E . 5.53 28.30 -21.00
O4 NAG E . 7.77 27.50 -22.57
O5 NAG E . 9.27 29.92 -20.28
O6 NAG E . 9.62 30.96 -22.69
O7 NAG E . 5.64 30.92 -17.54
C1 NAG E . 7.23 27.67 -23.91
C2 NAG E . 7.76 26.49 -24.74
C3 NAG E . 7.12 26.49 -26.13
C4 NAG E . 5.59 26.42 -25.95
C5 NAG E . 5.14 27.65 -25.16
C6 NAG E . 3.62 27.64 -24.97
C7 NAG E . 9.99 25.51 -24.24
C8 NAG E . 11.46 25.52 -24.51
N2 NAG E . 9.24 26.44 -24.87
O3 NAG E . 7.58 25.39 -26.89
O4 NAG E . 5.00 26.45 -27.29
O5 NAG E . 5.81 27.66 -23.89
O6 NAG E . 3.26 28.84 -24.24
O7 NAG E . 9.49 24.67 -23.43
C1 NAG F . -12.58 22.14 3.34
C2 NAG F . -13.64 21.43 2.55
C3 NAG F . -14.86 22.32 2.29
C4 NAG F . -15.31 23.06 3.56
C5 NAG F . -14.13 23.67 4.28
C6 NAG F . -14.52 24.32 5.60
C7 NAG F . -13.30 19.72 0.88
C8 NAG F . -12.80 19.39 -0.51
N2 NAG F . -13.16 21.00 1.25
O3 NAG F . -15.94 21.53 1.81
O4 NAG F . -16.15 24.12 3.13
O5 NAG F . -13.18 22.64 4.52
O6 NAG F . -14.98 23.30 6.51
O7 NAG F . -13.79 18.82 1.63
C1 NAG F . -17.53 23.71 3.22
C2 NAG F . -18.33 24.94 3.57
C3 NAG F . -19.83 24.76 3.43
C4 NAG F . -20.27 23.68 2.44
C5 NAG F . -19.24 22.61 2.11
C6 NAG F . -19.60 21.88 0.81
C7 NAG F . -17.25 26.48 5.09
C8 NAG F . -16.86 26.81 6.52
N2 NAG F . -17.97 25.37 4.91
O3 NAG F . -20.42 26.01 3.02
O4 NAG F . -21.35 22.96 3.04
O5 NAG F . -17.96 23.23 1.96
O6 NAG F . -19.87 22.84 -0.26
O7 NAG F . -16.91 27.24 4.17
C1 NAG F . -22.62 23.29 2.41
C2 NAG F . -23.39 24.21 3.36
C3 NAG F . -24.81 24.25 2.84
C4 NAG F . -24.85 24.64 1.35
C5 NAG F . -23.82 23.94 0.45
C6 NAG F . -23.60 24.69 -0.86
C7 NAG F . -22.72 24.15 5.76
C8 NAG F . -22.63 23.31 7.02
N2 NAG F . -23.31 23.57 4.68
O3 NAG F . -25.55 25.21 3.60
O4 NAG F . -26.17 24.32 0.86
O5 NAG F . -22.54 23.85 1.09
O6 NAG F . -24.82 25.27 -1.35
O7 NAG F . -22.28 25.31 5.76
C1 NAG G . 5.03 16.00 26.26
C2 NAG G . 4.68 17.47 26.06
C3 NAG G . 4.73 18.23 27.38
C4 NAG G . 4.03 17.47 28.52
C5 NAG G . 4.52 16.01 28.56
C6 NAG G . 3.93 15.16 29.68
C7 NAG G . 5.32 18.27 23.81
C8 NAG G . 6.41 18.94 23.00
N2 NAG G . 5.60 18.07 25.11
O3 NAG G . 4.05 19.48 27.20
O4 NAG G . 4.34 18.12 29.76
O5 NAG G . 4.21 15.43 27.28
O6 NAG G . 2.50 15.06 29.54
O7 NAG G . 4.23 17.95 23.29
C1 NAG G . 3.16 18.15 30.61
C2 NAG G . 3.55 18.46 32.06
C3 NAG G . 2.31 18.65 32.94
C4 NAG G . 1.43 19.70 32.29
C5 NAG G . 1.03 19.08 30.93
C6 NAG G . -0.09 19.78 30.11
C7 NAG G . 5.66 17.52 32.70
C8 NAG G . 6.46 16.40 33.27
N2 NAG G . 4.36 17.37 32.62
O3 NAG G . 2.70 19.01 34.29
O4 NAG G . 0.29 19.94 33.13
O5 NAG G . 2.20 19.08 30.12
O6 NAG G . -0.15 21.15 30.52
O7 NAG G . 6.22 18.56 32.33
C1 NAG H . 23.45 5.55 14.91
C2 NAG H . 24.62 6.51 14.80
C3 NAG H . 25.45 6.60 16.09
C4 NAG H . 24.59 6.76 17.35
C5 NAG H . 23.48 5.71 17.31
C6 NAG H . 22.49 5.86 18.47
C7 NAG H . 25.91 6.88 12.84
C8 NAG H . 26.81 6.35 11.76
N2 NAG H . 25.48 6.03 13.76
O3 NAG H . 26.34 7.70 16.00
O4 NAG H . 25.44 6.52 18.47
O5 NAG H . 22.75 5.83 16.12
O6 NAG H . 21.55 4.81 18.37
O7 NAG H . 25.61 8.05 12.91
C1 NAG H . 25.36 7.61 19.43
C2 NAG H . 25.85 7.16 20.81
C3 NAG H . 25.81 8.28 21.83
C4 NAG H . 26.28 9.61 21.27
C5 NAG H . 25.86 9.87 19.83
C6 NAG H . 26.57 11.09 19.24
C7 NAG H . 25.43 4.79 21.12
C8 NAG H . 26.78 4.56 20.54
N2 NAG H . 25.00 6.05 21.27
O3 NAG H . 26.69 7.94 22.92
O4 NAG H . 25.70 10.63 22.12
O5 NAG H . 26.14 8.73 19.03
O6 NAG H . 27.91 10.69 18.85
O7 NAG H . 24.76 3.83 21.48
C1 NAG I . -9.04 -30.75 28.04
C2 NAG I . -9.51 -31.98 27.25
C3 NAG I . -9.46 -33.19 28.18
C4 NAG I . -8.06 -33.37 28.76
C5 NAG I . -7.45 -32.06 29.28
C6 NAG I . -5.93 -32.23 29.37
C7 NAG I . -11.19 -31.48 25.51
C8 NAG I . -10.04 -31.26 24.52
N2 NAG I . -10.88 -31.81 26.77
O3 NAG I . -9.78 -34.31 27.37
O4 NAG I . -8.13 -34.30 29.83
O5 NAG I . -7.68 -30.96 28.38
O6 NAG I . -5.39 -31.45 30.41
O7 NAG I . -12.37 -31.32 25.17
C1 NAG I . -6.92 -35.14 29.92
C2 NAG I . -6.86 -35.77 31.32
C3 NAG I . -5.83 -36.88 31.44
C4 NAG I . -6.07 -37.89 30.34
C5 NAG I . -5.92 -37.15 28.99
C6 NAG I . -6.15 -38.10 27.81
C7 NAG I . -7.60 -34.48 33.27
C8 NAG I . -8.91 -35.20 33.18
N2 NAG I . -6.64 -34.76 32.35
O3 NAG I . -5.97 -37.56 32.70
O4 NAG I . -5.08 -38.94 30.47
O5 NAG I . -6.92 -36.15 28.89
O6 NAG I . -5.48 -39.35 28.05
O7 NAG I . -7.39 -33.60 34.14
C1 NAG J . -14.39 -2.08 19.54
C2 NAG J . -14.19 -1.35 20.87
C3 NAG J . -15.26 -0.26 21.05
C4 NAG J . -15.39 0.60 19.79
C5 NAG J . -15.57 -0.28 18.55
C6 NAG J . -15.58 0.60 17.30
C7 NAG J . -13.25 -2.63 22.77
C8 NAG J . -13.49 -3.61 23.84
N2 NAG J . -14.28 -2.33 21.96
O3 NAG J . -14.87 0.54 22.15
O4 NAG J . -16.51 1.47 19.89
O5 NAG J . -14.47 -1.16 18.47
O6 NAG J . -15.91 -0.18 16.16
O7 NAG J . -12.12 -2.15 22.68
C1 NAG J . -16.03 2.85 19.92
C2 NAG J . -17.15 3.83 19.61
C3 NAG J . -16.60 5.25 19.62
C4 NAG J . -16.02 5.52 20.99
C5 NAG J . -14.98 4.47 21.38
C6 NAG J . -14.67 4.58 22.89
C7 NAG J . -18.92 2.75 18.30
C8 NAG J . -19.52 2.59 16.94
N2 NAG J . -17.82 3.55 18.33
O3 NAG J . -17.65 6.19 19.34
O4 NAG J . -15.43 6.83 21.03
O5 NAG J . -15.51 3.14 21.20
O6 NAG J . -15.58 3.73 23.61
O7 NAG J . -19.38 2.16 19.30
C1 NAG K . 4.18 -32.91 1.93
C2 NAG K . 3.65 -33.13 0.53
C3 NAG K . 2.55 -34.21 0.61
C4 NAG K . 3.17 -35.47 1.29
C5 NAG K . 3.86 -35.16 2.62
C6 NAG K . 4.62 -36.37 3.15
C7 NAG K . 2.06 -31.22 0.05
C8 NAG K . 1.99 -29.86 -0.58
N2 NAG K . 3.27 -31.84 -0.05
O3 NAG K . 2.12 -34.56 -0.71
O4 NAG K . 2.16 -36.46 1.47
O5 NAG K . 4.83 -34.10 2.42
O6 NAG K . 3.73 -37.24 3.87
O7 NAG K . 1.06 -31.71 0.58
C1 NAG L . -30.46 -5.44 21.70
C2 NAG L . -31.65 -4.69 22.34
C3 NAG L . -31.34 -3.38 23.10
C4 NAG L . -29.90 -3.26 23.58
C5 NAG L . -28.91 -3.83 22.56
C6 NAG L . -27.48 -3.66 23.04
C7 NAG L . -33.83 -4.79 21.25
C8 NAG L . -34.67 -4.29 20.11
N2 NAG L . -32.59 -4.32 21.27
O3 NAG L . -32.21 -3.27 24.21
O4 NAG L . -29.60 -1.86 23.78
O5 NAG L . -29.26 -5.23 22.43
O6 NAG L . -27.15 -4.74 23.97
O7 NAG L . -34.23 -5.57 22.08
N MET M . 8.34 4.46 1.45
CA MET M . 7.29 4.98 0.55
C MET M . 5.85 4.28 0.73
O MET M . 4.84 4.77 0.03
CB MET M . 7.79 5.13 -0.96
CG MET M . 7.13 4.24 -1.93
SD MET M . 8.29 3.19 -2.87
CE MET M . 7.94 1.55 -2.23
OXT MET M . 5.72 3.40 1.63
S SO4 N . 14.85 2.19 7.08
O1 SO4 N . 13.32 2.32 7.41
O2 SO4 N . 15.24 2.52 5.64
O3 SO4 N . 15.07 0.69 7.48
O4 SO4 N . 15.77 3.26 7.72
S SO4 O . 25.16 25.01 -1.75
O1 SO4 O . 25.62 25.83 -3.03
O2 SO4 O . 23.68 24.59 -1.67
O3 SO4 O . 25.48 25.88 -0.51
O4 SO4 O . 25.95 23.66 -1.75
S SO4 P . -0.86 5.25 -2.94
O1 SO4 P . -0.41 6.61 -3.33
O2 SO4 P . -0.84 4.26 -4.18
O3 SO4 P . 0.10 4.74 -1.75
O4 SO4 P . -2.33 5.32 -2.39
S SO4 Q . 26.55 22.88 -11.91
O1 SO4 Q . 25.19 23.50 -12.17
O2 SO4 Q . 27.18 22.46 -13.27
O3 SO4 Q . 26.46 21.70 -10.95
O4 SO4 Q . 27.44 23.96 -11.10
S SO4 R . -32.37 -14.97 -11.90
O1 SO4 R . -31.65 -16.09 -12.66
O2 SO4 R . -33.38 -14.25 -12.77
O3 SO4 R . -31.31 -13.99 -11.42
O4 SO4 R . -33.11 -15.51 -10.68
S SO4 S . -6.85 0.73 17.68
O1 SO4 S . -5.67 1.64 17.76
O2 SO4 S . -7.32 0.57 16.21
O3 SO4 S . -6.51 -0.64 18.24
O4 SO4 S . -8.04 1.29 18.52
S SO4 T . 26.06 28.01 -18.48
O1 SO4 T . 26.84 29.04 -19.34
O2 SO4 T . 24.51 28.25 -18.82
O3 SO4 T . 26.49 26.56 -18.82
O4 SO4 T . 26.43 28.34 -17.01
S SO4 U . 2.55 -3.31 -0.11
O1 SO4 U . 2.58 -1.82 -0.58
O2 SO4 U . 2.02 -4.29 -1.16
O3 SO4 U . 4.00 -3.74 0.21
O4 SO4 U . 1.61 -3.43 1.17
S SO4 V . 23.25 27.68 3.97
O1 SO4 V . 23.97 28.63 2.88
O2 SO4 V . 22.26 26.70 3.35
O3 SO4 V . 24.37 26.88 4.62
O4 SO4 V . 22.49 28.50 5.06
S SO4 W . 38.12 -4.52 6.29
O1 SO4 W . 38.97 -3.34 5.74
O2 SO4 W . 36.81 -4.67 5.46
O3 SO4 W . 38.96 -5.85 6.18
O4 SO4 W . 37.70 -4.35 7.79
S SO4 X . -16.31 0.61 -0.75
O1 SO4 X . -15.83 1.18 -2.11
O2 SO4 X . -17.40 1.54 -0.26
O3 SO4 X . -15.11 0.69 0.25
O4 SO4 X . -16.90 -0.82 -0.78
S SO4 Y . -5.47 20.47 -18.97
O1 SO4 Y . -6.84 20.71 -19.64
O2 SO4 Y . -4.49 19.77 -20.03
O3 SO4 Y . -5.72 19.63 -17.71
O4 SO4 Y . -4.89 21.79 -18.57
ZN ZN Z . 5.44 4.64 4.68
#